data_1VLL
#
_entry.id   1VLL
#
_cell.length_a   56.702
_cell.length_b   92.437
_cell.length_c   131.783
_cell.angle_alpha   90.00
_cell.angle_beta   90.00
_cell.angle_gamma   90.00
#
_symmetry.space_group_name_H-M   'P 21 21 21'
#
_entity_poly.entity_id   1
_entity_poly.type   'polypeptide(L)'
_entity_poly.pdbx_seq_one_letter_code
;MGSDKIHHHHHHMETLILTQEEVESLISMDEAMNAVEEAFRLYALGKAQMPPKVYLEFEKGDLRAMPAHLMGYAGLKWVN
SHPGNPDKGLPTVMALMILNSPETGFPLAVMDATYTTSLRTGAAGGIAAKYLARKNSSVFGFIGCGTQAYFQLEALRRVF
DIGEVKAYDVREKAAKKFVSYCEDRGISASVQPAEEASRCDVLVTTTPSRKPVVKAEWVEEGTHINAIGADGPGKQELDV
EILKKAKIVVDDLEQAKHGGEINVAVSKGVIGVEDVHATIGEVIAGLKDGRESDEEITIFDSTGLAIQDVAVAKVVYENA
LSKNVGSKIKFFRI
;
_entity_poly.pdbx_strand_id   A,B
#
# COMPACT_ATOMS: atom_id res chain seq x y z
N MET A 13 -3.20 4.37 23.70
CA MET A 13 -3.62 3.42 22.62
C MET A 13 -2.50 2.49 22.13
N GLU A 14 -2.88 1.24 21.87
CA GLU A 14 -2.00 0.16 21.39
C GLU A 14 -2.56 -0.47 20.11
N THR A 15 -1.73 -1.25 19.43
CA THR A 15 -2.16 -1.92 18.20
C THR A 15 -2.36 -3.40 18.47
N LEU A 16 -3.50 -3.92 18.01
CA LEU A 16 -3.78 -5.35 18.15
C LEU A 16 -3.10 -6.17 17.05
N ILE A 17 -2.49 -7.27 17.44
CA ILE A 17 -1.84 -8.20 16.49
C ILE A 17 -2.51 -9.56 16.53
N LEU A 18 -3.00 -10.03 15.39
CA LEU A 18 -3.72 -11.29 15.33
C LEU A 18 -3.12 -12.20 14.27
N THR A 19 -2.89 -13.45 14.64
CA THR A 19 -2.29 -14.43 13.73
C THR A 19 -3.37 -15.20 13.00
N GLN A 20 -2.97 -15.95 11.98
CA GLN A 20 -3.91 -16.76 11.17
C GLN A 20 -4.87 -17.55 12.05
N GLU A 21 -4.30 -18.40 12.92
CA GLU A 21 -5.08 -19.22 13.88
C GLU A 21 -6.13 -18.39 14.65
N GLU A 22 -5.72 -17.22 15.14
CA GLU A 22 -6.62 -16.35 15.88
C GLU A 22 -7.78 -15.86 15.01
N VAL A 23 -7.43 -15.31 13.84
CA VAL A 23 -8.41 -14.76 12.88
C VAL A 23 -9.41 -15.83 12.51
N GLU A 24 -8.92 -17.05 12.35
CA GLU A 24 -9.77 -18.15 11.92
C GLU A 24 -10.98 -18.32 12.83
N SER A 25 -10.75 -18.20 14.13
CA SER A 25 -11.78 -18.41 15.12
C SER A 25 -12.57 -17.14 15.40
N LEU A 26 -12.25 -16.07 14.70
CA LEU A 26 -12.87 -14.78 14.96
C LEU A 26 -13.93 -14.34 13.94
N ILE A 27 -14.19 -15.15 12.92
CA ILE A 27 -15.22 -14.81 11.92
C ILE A 27 -15.86 -16.07 11.31
N SER A 28 -17.19 -16.05 11.20
CA SER A 28 -17.93 -17.13 10.51
C SER A 28 -18.21 -16.79 9.05
N MET A 29 -18.55 -17.82 8.27
CA MET A 29 -18.91 -17.61 6.87
C MET A 29 -20.12 -16.68 6.79
N ASP A 30 -21.07 -16.88 7.69
CA ASP A 30 -22.24 -15.99 7.80
C ASP A 30 -21.88 -14.50 7.90
N GLU A 31 -21.06 -14.16 8.90
CA GLU A 31 -20.65 -12.78 9.13
C GLU A 31 -19.99 -12.28 7.88
N ALA A 32 -19.13 -13.11 7.32
CA ALA A 32 -18.35 -12.73 6.16
C ALA A 32 -19.26 -12.40 4.99
N MET A 33 -20.30 -13.22 4.83
CA MET A 33 -21.24 -13.02 3.75
C MET A 33 -21.93 -11.68 3.91
N ASN A 34 -22.38 -11.38 5.12
CA ASN A 34 -22.99 -10.07 5.40
C ASN A 34 -22.07 -8.90 5.17
N ALA A 35 -20.82 -9.06 5.62
CA ALA A 35 -19.82 -8.05 5.41
C ALA A 35 -19.66 -7.80 3.91
N VAL A 36 -19.47 -8.89 3.17
CA VAL A 36 -19.21 -8.78 1.74
C VAL A 36 -20.40 -8.18 0.99
N GLU A 37 -21.57 -8.72 1.24
CA GLU A 37 -22.80 -8.19 0.66
C GLU A 37 -22.92 -6.68 0.89
N GLU A 38 -22.86 -6.26 2.14
CA GLU A 38 -22.99 -4.86 2.46
C GLU A 38 -21.88 -4.04 1.81
N ALA A 39 -20.70 -4.63 1.73
CA ALA A 39 -19.57 -3.96 1.09
C ALA A 39 -19.85 -3.71 -0.39
N PHE A 40 -20.40 -4.72 -1.09
CA PHE A 40 -20.69 -4.51 -2.51
C PHE A 40 -21.69 -3.40 -2.65
N ARG A 41 -22.71 -3.45 -1.82
CA ARG A 41 -23.83 -2.53 -1.91
C ARG A 41 -23.37 -1.09 -1.66
N LEU A 42 -22.63 -0.91 -0.57
CA LEU A 42 -22.11 0.41 -0.23
C LEU A 42 -21.27 0.99 -1.38
N TYR A 43 -20.47 0.13 -1.99
CA TYR A 43 -19.57 0.56 -3.04
C TYR A 43 -20.36 0.99 -4.25
N ALA A 44 -21.40 0.26 -4.58
CA ALA A 44 -22.20 0.60 -5.74
C ALA A 44 -22.99 1.89 -5.52
N LEU A 45 -23.21 2.23 -4.24
CA LEU A 45 -23.99 3.42 -3.91
C LEU A 45 -23.10 4.63 -3.66
N GLY A 46 -21.80 4.47 -3.86
CA GLY A 46 -20.86 5.58 -3.70
C GLY A 46 -20.49 5.89 -2.26
N LYS A 47 -20.71 4.92 -1.38
CA LYS A 47 -20.42 5.10 0.04
C LYS A 47 -19.15 4.34 0.48
N ALA A 48 -18.25 4.07 -0.45
CA ALA A 48 -16.97 3.44 -0.09
C ALA A 48 -15.85 3.86 -1.03
N GLN A 49 -14.63 3.93 -0.50
CA GLN A 49 -13.45 4.31 -1.26
C GLN A 49 -12.59 3.09 -1.55
N MET A 50 -12.22 2.94 -2.80
CA MET A 50 -11.32 1.87 -3.18
C MET A 50 -10.47 2.36 -4.36
N PRO A 51 -9.30 2.97 -4.09
CA PRO A 51 -8.41 3.37 -5.20
C PRO A 51 -7.77 2.13 -5.84
N PRO A 52 -7.28 2.26 -7.08
CA PRO A 52 -6.68 1.12 -7.79
C PRO A 52 -5.52 0.45 -7.05
N LYS A 53 -5.47 -0.88 -7.13
CA LYS A 53 -4.34 -1.69 -6.65
C LYS A 53 -2.98 -1.14 -7.09
N VAL A 54 -1.97 -1.33 -6.24
CA VAL A 54 -0.59 -1.00 -6.58
C VAL A 54 0.25 -2.27 -6.58
N TYR A 55 1.11 -2.38 -7.60
CA TYR A 55 1.92 -3.57 -7.86
C TYR A 55 3.40 -3.31 -7.71
N LEU A 56 4.08 -4.33 -7.23
CA LEU A 56 5.51 -4.31 -7.16
C LEU A 56 5.91 -5.62 -7.83
N GLU A 57 6.59 -5.55 -8.96
CA GLU A 57 6.91 -6.74 -9.76
C GLU A 57 8.30 -7.28 -9.46
N PHE A 58 8.40 -8.59 -9.26
CA PHE A 58 9.71 -9.24 -9.10
C PHE A 58 9.91 -10.35 -10.13
N GLU A 59 11.17 -10.76 -10.36
CA GLU A 59 11.47 -11.90 -11.23
C GLU A 59 10.61 -13.09 -10.81
N LYS A 60 10.60 -13.42 -9.52
CA LYS A 60 10.00 -14.69 -9.11
C LYS A 60 8.60 -14.59 -8.50
N GLY A 61 7.94 -13.42 -8.64
CA GLY A 61 6.58 -13.16 -8.08
C GLY A 61 6.18 -11.68 -8.04
N ASP A 62 5.27 -11.31 -7.14
CA ASP A 62 4.87 -9.90 -6.95
C ASP A 62 4.22 -9.58 -5.60
N LEU A 63 4.08 -8.29 -5.29
CA LEU A 63 3.33 -7.82 -4.12
C LEU A 63 2.29 -6.78 -4.55
N ARG A 64 1.13 -6.77 -3.92
CA ARG A 64 0.08 -5.82 -4.29
C ARG A 64 -0.42 -5.07 -3.07
N ALA A 65 -0.56 -3.75 -3.18
CA ALA A 65 -1.17 -2.97 -2.12
C ALA A 65 -2.62 -2.67 -2.46
N MET A 66 -3.52 -3.03 -1.56
CA MET A 66 -4.95 -2.80 -1.75
C MET A 66 -5.53 -1.98 -0.61
N PRO A 67 -5.62 -0.65 -0.74
CA PRO A 67 -6.33 0.10 0.31
C PRO A 67 -7.81 0.19 0.03
N ALA A 68 -8.60 0.37 1.07
CA ALA A 68 -10.02 0.72 0.94
C ALA A 68 -10.52 1.43 2.18
N HIS A 69 -11.63 2.15 2.02
CA HIS A 69 -12.28 2.86 3.10
C HIS A 69 -13.79 2.72 3.01
N LEU A 70 -14.38 2.10 4.03
CA LEU A 70 -15.85 1.96 4.11
C LEU A 70 -16.26 1.56 5.54
N MET A 71 -17.56 1.68 5.85
CA MET A 71 -18.11 1.25 7.14
C MET A 71 -17.32 1.79 8.34
N GLY A 72 -16.83 3.02 8.24
CA GLY A 72 -16.09 3.66 9.34
C GLY A 72 -14.72 3.09 9.64
N TYR A 73 -14.14 2.34 8.70
CA TYR A 73 -12.75 1.91 8.82
C TYR A 73 -12.00 2.13 7.53
N ALA A 74 -10.69 2.25 7.67
CA ALA A 74 -9.83 2.25 6.54
C ALA A 74 -8.82 1.12 6.76
N GLY A 75 -8.30 0.56 5.67
CA GLY A 75 -7.31 -0.50 5.81
C GLY A 75 -6.53 -0.66 4.54
N LEU A 76 -5.41 -1.36 4.64
CA LEU A 76 -4.58 -1.73 3.50
C LEU A 76 -4.18 -3.18 3.61
N LYS A 77 -4.45 -3.94 2.56
CA LYS A 77 -4.01 -5.31 2.42
C LYS A 77 -2.79 -5.35 1.55
N TRP A 78 -1.78 -6.07 2.02
CA TRP A 78 -0.52 -6.19 1.34
C TRP A 78 -0.27 -7.68 1.22
N VAL A 79 -0.34 -8.13 -0.03
CA VAL A 79 -0.45 -9.54 -0.36
C VAL A 79 0.50 -9.88 -1.50
N ASN A 80 1.23 -10.97 -1.34
CA ASN A 80 2.18 -11.40 -2.33
C ASN A 80 1.62 -12.55 -3.11
N SER A 81 2.34 -12.91 -4.16
CA SER A 81 2.02 -14.05 -4.98
C SER A 81 3.32 -14.57 -5.59
N HIS A 82 3.84 -15.63 -4.99
CA HIS A 82 5.09 -16.23 -5.42
C HIS A 82 4.88 -17.74 -5.66
N PRO A 83 4.74 -18.15 -6.94
CA PRO A 83 4.44 -19.54 -7.30
C PRO A 83 5.52 -20.51 -6.86
N GLY A 84 6.78 -20.08 -6.88
CA GLY A 84 7.86 -20.96 -6.46
C GLY A 84 7.85 -21.37 -4.99
N ASN A 85 6.98 -20.73 -4.21
CA ASN A 85 6.99 -20.86 -2.74
C ASN A 85 6.77 -22.27 -2.17
N PRO A 86 5.68 -22.97 -2.58
CA PRO A 86 5.57 -24.38 -2.22
C PRO A 86 6.89 -25.16 -2.27
N ASP A 87 7.59 -25.12 -3.41
CA ASP A 87 8.92 -25.76 -3.57
C ASP A 87 9.94 -25.34 -2.51
N LYS A 88 9.75 -24.14 -1.94
CA LYS A 88 10.60 -23.57 -0.85
C LYS A 88 10.02 -23.82 0.55
N GLY A 89 8.84 -24.43 0.61
CA GLY A 89 8.18 -24.75 1.86
C GLY A 89 7.30 -23.66 2.44
N LEU A 90 7.01 -22.62 1.64
CA LEU A 90 6.12 -21.51 2.07
C LEU A 90 4.82 -21.47 1.25
N PRO A 91 3.79 -20.74 1.72
CA PRO A 91 2.56 -20.67 0.93
C PRO A 91 2.77 -19.78 -0.26
N THR A 92 2.01 -20.01 -1.33
CA THR A 92 2.10 -19.21 -2.54
C THR A 92 1.71 -17.79 -2.25
N VAL A 93 0.68 -17.64 -1.42
CA VAL A 93 0.04 -16.35 -1.19
C VAL A 93 -0.04 -16.02 0.29
N MET A 94 0.67 -14.98 0.72
CA MET A 94 0.61 -14.48 2.10
C MET A 94 0.09 -13.05 2.09
N ALA A 95 -0.84 -12.73 2.98
CA ALA A 95 -1.36 -11.38 3.05
C ALA A 95 -1.42 -10.91 4.48
N LEU A 96 -0.93 -9.70 4.71
CA LEU A 96 -1.14 -8.99 5.97
C LEU A 96 -2.11 -7.87 5.67
N MET A 97 -2.88 -7.47 6.69
CA MET A 97 -3.83 -6.37 6.59
C MET A 97 -3.60 -5.42 7.73
N ILE A 98 -3.47 -4.14 7.42
CA ILE A 98 -3.40 -3.14 8.46
C ILE A 98 -4.73 -2.44 8.47
N LEU A 99 -5.35 -2.40 9.65
CA LEU A 99 -6.67 -1.81 9.83
C LEU A 99 -6.55 -0.50 10.62
N ASN A 100 -7.16 0.57 10.11
CA ASN A 100 -6.99 1.93 10.65
C ASN A 100 -8.28 2.66 10.96
N SER A 101 -8.21 3.64 11.86
CA SER A 101 -9.32 4.55 12.17
C SER A 101 -9.22 5.73 11.21
N PRO A 102 -10.31 6.03 10.50
CA PRO A 102 -10.29 7.17 9.59
C PRO A 102 -10.22 8.49 10.31
N GLU A 103 -10.51 8.50 11.61
CA GLU A 103 -10.55 9.74 12.42
C GLU A 103 -9.16 10.22 12.80
N THR A 104 -8.29 9.26 13.05
CA THR A 104 -7.03 9.55 13.69
C THR A 104 -5.89 9.11 12.79
N GLY A 105 -6.15 8.11 11.97
CA GLY A 105 -5.10 7.48 11.19
C GLY A 105 -4.52 6.30 11.93
N PHE A 106 -4.91 6.12 13.19
CA PHE A 106 -4.28 5.14 14.05
C PHE A 106 -4.43 3.71 13.56
N PRO A 107 -3.30 2.97 13.49
CA PRO A 107 -3.30 1.58 13.07
C PRO A 107 -3.85 0.71 14.19
N LEU A 108 -5.17 0.51 14.17
CA LEU A 108 -5.84 -0.30 15.16
C LEU A 108 -5.27 -1.71 15.25
N ALA A 109 -4.97 -2.32 14.10
CA ALA A 109 -4.62 -3.73 14.07
C ALA A 109 -3.79 -4.09 12.88
N VAL A 110 -2.95 -5.10 13.05
CA VAL A 110 -2.23 -5.72 11.94
C VAL A 110 -2.47 -7.20 12.09
N MET A 111 -3.11 -7.81 11.10
CA MET A 111 -3.58 -9.19 11.23
C MET A 111 -3.33 -9.96 9.95
N ASP A 112 -3.30 -11.28 10.07
CA ASP A 112 -3.28 -12.13 8.90
C ASP A 112 -4.51 -11.85 8.05
N ALA A 113 -4.29 -11.88 6.74
CA ALA A 113 -5.38 -11.78 5.77
C ALA A 113 -5.34 -12.91 4.76
N THR A 114 -4.45 -13.87 4.98
CA THR A 114 -4.35 -15.02 4.08
C THR A 114 -5.69 -15.71 4.11
N TYR A 115 -6.15 -16.05 5.30
CA TYR A 115 -7.39 -16.79 5.46
C TYR A 115 -8.60 -15.94 5.13
N THR A 116 -8.64 -14.71 5.65
CA THR A 116 -9.75 -13.83 5.36
C THR A 116 -9.95 -13.67 3.83
N THR A 117 -8.86 -13.57 3.07
CA THR A 117 -8.95 -13.43 1.60
C THR A 117 -9.74 -14.59 1.01
N SER A 118 -9.27 -15.81 1.27
CA SER A 118 -9.98 -16.99 0.82
C SER A 118 -11.43 -16.97 1.29
N LEU A 119 -11.66 -16.55 2.52
CA LEU A 119 -13.00 -16.58 3.12
C LEU A 119 -13.96 -15.64 2.45
N ARG A 120 -13.50 -14.43 2.12
CA ARG A 120 -14.33 -13.45 1.46
C ARG A 120 -14.52 -13.72 -0.03
N THR A 121 -13.66 -14.52 -0.63
CA THR A 121 -13.89 -14.86 -2.02
C THR A 121 -15.02 -15.87 -2.12
N GLY A 122 -15.02 -16.81 -1.19
CA GLY A 122 -16.13 -17.76 -1.03
C GLY A 122 -17.42 -17.00 -0.71
N ALA A 123 -17.40 -16.22 0.36
CA ALA A 123 -18.58 -15.46 0.70
C ALA A 123 -19.16 -14.76 -0.55
N ALA A 124 -18.30 -14.16 -1.35
CA ALA A 124 -18.74 -13.47 -2.57
C ALA A 124 -19.42 -14.43 -3.55
N GLY A 125 -18.90 -15.63 -3.66
CA GLY A 125 -19.55 -16.62 -4.48
C GLY A 125 -20.94 -16.92 -3.98
N GLY A 126 -21.05 -17.12 -2.67
CA GLY A 126 -22.34 -17.39 -2.04
C GLY A 126 -23.33 -16.28 -2.37
N ILE A 127 -22.88 -15.04 -2.17
CA ILE A 127 -23.73 -13.87 -2.36
C ILE A 127 -24.20 -13.81 -3.79
N ALA A 128 -23.28 -14.00 -4.72
CA ALA A 128 -23.61 -13.87 -6.13
C ALA A 128 -24.58 -14.97 -6.56
N ALA A 129 -24.37 -16.17 -6.04
CA ALA A 129 -25.29 -17.26 -6.28
C ALA A 129 -26.64 -16.96 -5.65
N LYS A 130 -26.64 -16.38 -4.44
CA LYS A 130 -27.86 -15.96 -3.75
C LYS A 130 -28.69 -15.02 -4.62
N TYR A 131 -28.04 -14.17 -5.40
CA TYR A 131 -28.73 -13.21 -6.25
C TYR A 131 -28.90 -13.66 -7.70
N LEU A 132 -28.11 -14.62 -8.15
CA LEU A 132 -28.11 -14.87 -9.58
C LEU A 132 -28.59 -16.24 -10.00
N ALA A 133 -28.49 -17.23 -9.11
CA ALA A 133 -28.90 -18.59 -9.45
C ALA A 133 -30.39 -18.77 -9.28
N ARG A 134 -30.91 -19.80 -9.93
CA ARG A 134 -32.30 -20.25 -9.73
C ARG A 134 -32.50 -20.61 -8.27
N LYS A 135 -33.60 -20.14 -7.69
CA LYS A 135 -33.93 -20.39 -6.29
C LYS A 135 -34.06 -21.90 -6.04
N ASN A 136 -34.51 -22.65 -7.05
CA ASN A 136 -34.69 -24.09 -6.88
C ASN A 136 -33.40 -24.94 -7.10
N SER A 137 -32.24 -24.30 -7.03
CA SER A 137 -30.97 -24.99 -7.30
C SER A 137 -30.64 -26.12 -6.29
N SER A 138 -30.42 -27.32 -6.82
CA SER A 138 -30.17 -28.54 -6.04
C SER A 138 -28.82 -29.20 -6.38
N VAL A 139 -28.50 -29.27 -7.66
CA VAL A 139 -27.27 -29.92 -8.12
C VAL A 139 -26.11 -28.92 -8.36
N PHE A 140 -24.94 -29.22 -7.79
CA PHE A 140 -23.78 -28.30 -7.79
C PHE A 140 -22.53 -28.89 -8.37
N GLY A 141 -21.93 -28.18 -9.31
CA GLY A 141 -20.74 -28.66 -9.99
C GLY A 141 -19.52 -27.88 -9.59
N PHE A 142 -18.44 -28.60 -9.35
CA PHE A 142 -17.16 -27.98 -9.05
C PHE A 142 -16.12 -28.40 -10.09
N ILE A 143 -15.68 -27.43 -10.87
CA ILE A 143 -14.60 -27.65 -11.80
C ILE A 143 -13.34 -27.12 -11.14
N GLY A 144 -12.62 -28.02 -10.47
CA GLY A 144 -11.48 -27.66 -9.63
C GLY A 144 -11.83 -27.83 -8.17
N CYS A 145 -11.03 -28.65 -7.49
CA CYS A 145 -11.26 -29.00 -6.09
C CYS A 145 -10.12 -28.56 -5.19
N GLY A 146 -9.56 -27.38 -5.47
CA GLY A 146 -8.55 -26.76 -4.60
C GLY A 146 -9.18 -25.99 -3.44
N THR A 147 -8.36 -25.33 -2.62
CA THR A 147 -8.88 -24.72 -1.40
C THR A 147 -10.04 -23.76 -1.64
N GLN A 148 -10.03 -23.01 -2.73
CA GLN A 148 -11.15 -22.11 -2.97
C GLN A 148 -12.49 -22.82 -3.15
N ALA A 149 -12.49 -24.01 -3.73
CA ALA A 149 -13.71 -24.78 -3.96
C ALA A 149 -14.39 -25.13 -2.64
N TYR A 150 -13.57 -25.34 -1.61
CA TYR A 150 -14.06 -25.59 -0.28
C TYR A 150 -14.81 -24.38 0.24
N PHE A 151 -14.18 -23.21 0.17
CA PHE A 151 -14.81 -21.96 0.61
C PHE A 151 -16.06 -21.65 -0.17
N GLN A 152 -15.98 -21.80 -1.49
CA GLN A 152 -17.12 -21.63 -2.36
C GLN A 152 -18.31 -22.51 -1.89
N LEU A 153 -18.01 -23.77 -1.62
CA LEU A 153 -18.97 -24.72 -1.09
C LEU A 153 -19.52 -24.26 0.24
N GLU A 154 -18.62 -24.03 1.18
CA GLU A 154 -19.04 -23.70 2.53
C GLU A 154 -19.94 -22.47 2.52
N ALA A 155 -19.64 -21.47 1.67
CA ALA A 155 -20.54 -20.29 1.51
C ALA A 155 -21.84 -20.62 0.81
N LEU A 156 -21.73 -21.38 -0.29
CA LEU A 156 -22.89 -21.79 -1.05
C LEU A 156 -23.89 -22.52 -0.18
N ARG A 157 -23.39 -23.30 0.77
CA ARG A 157 -24.31 -24.09 1.54
C ARG A 157 -24.92 -23.33 2.72
N ARG A 158 -24.58 -22.06 2.83
CA ARG A 158 -25.31 -21.17 3.72
C ARG A 158 -26.59 -20.67 3.07
N VAL A 159 -26.72 -20.90 1.76
CA VAL A 159 -27.84 -20.37 1.00
C VAL A 159 -28.63 -21.43 0.26
N PHE A 160 -28.18 -22.67 0.24
CA PHE A 160 -28.98 -23.74 -0.38
C PHE A 160 -28.81 -25.08 0.36
N ASP A 161 -29.90 -25.82 0.50
CA ASP A 161 -29.76 -27.24 0.81
C ASP A 161 -29.20 -27.85 -0.48
N ILE A 162 -27.88 -28.06 -0.47
CA ILE A 162 -27.14 -28.64 -1.59
C ILE A 162 -27.50 -30.13 -1.76
N GLY A 163 -28.33 -30.45 -2.76
CA GLY A 163 -28.79 -31.83 -2.97
C GLY A 163 -27.72 -32.82 -3.38
N GLU A 164 -26.95 -32.46 -4.41
CA GLU A 164 -25.93 -33.34 -4.97
C GLU A 164 -24.74 -32.50 -5.38
N VAL A 165 -23.54 -33.04 -5.22
CA VAL A 165 -22.32 -32.37 -5.64
C VAL A 165 -21.65 -33.20 -6.74
N LYS A 166 -21.19 -32.52 -7.79
CA LYS A 166 -20.35 -33.12 -8.86
C LYS A 166 -18.96 -32.50 -8.87
N ALA A 167 -17.93 -33.31 -8.64
CA ALA A 167 -16.58 -32.78 -8.49
C ALA A 167 -15.61 -33.32 -9.51
N TYR A 168 -15.09 -32.41 -10.33
CA TYR A 168 -13.98 -32.71 -11.23
C TYR A 168 -12.71 -32.03 -10.74
N ASP A 169 -11.59 -32.71 -10.90
CA ASP A 169 -10.27 -32.09 -10.80
C ASP A 169 -9.28 -32.84 -11.68
N VAL A 170 -8.26 -32.16 -12.19
CA VAL A 170 -7.22 -32.84 -12.98
C VAL A 170 -6.43 -33.86 -12.16
N ARG A 171 -6.24 -33.59 -10.86
CA ARG A 171 -5.67 -34.54 -9.89
C ARG A 171 -6.77 -35.40 -9.26
N GLU A 172 -6.72 -36.71 -9.52
CA GLU A 172 -7.73 -37.66 -9.02
C GLU A 172 -7.90 -37.56 -7.48
N LYS A 173 -6.78 -37.55 -6.76
CA LYS A 173 -6.75 -37.51 -5.30
C LYS A 173 -7.49 -36.30 -4.74
N ALA A 174 -7.26 -35.10 -5.29
CA ALA A 174 -7.94 -33.89 -4.82
C ALA A 174 -9.46 -33.92 -5.02
N ALA A 175 -9.91 -34.47 -6.14
CA ALA A 175 -11.34 -34.72 -6.36
C ALA A 175 -11.87 -35.54 -5.19
N LYS A 176 -11.40 -36.78 -5.10
CA LYS A 176 -11.75 -37.68 -3.98
C LYS A 176 -11.73 -36.95 -2.62
N LYS A 177 -10.61 -36.30 -2.28
CA LYS A 177 -10.51 -35.64 -0.99
C LYS A 177 -11.70 -34.69 -0.77
N PHE A 178 -12.06 -33.94 -1.82
CA PHE A 178 -13.20 -33.01 -1.75
C PHE A 178 -14.53 -33.74 -1.57
N VAL A 179 -14.72 -34.83 -2.32
CA VAL A 179 -15.92 -35.69 -2.18
C VAL A 179 -16.07 -36.17 -0.74
N SER A 180 -14.98 -36.69 -0.16
CA SER A 180 -14.98 -37.24 1.19
C SER A 180 -15.36 -36.16 2.19
N TYR A 181 -14.86 -34.96 1.96
CA TYR A 181 -15.23 -33.81 2.74
C TYR A 181 -16.74 -33.55 2.71
N CYS A 182 -17.35 -33.67 1.53
CA CYS A 182 -18.77 -33.41 1.36
C CYS A 182 -19.62 -34.47 2.03
N GLU A 183 -19.21 -35.73 1.85
CA GLU A 183 -19.90 -36.89 2.44
C GLU A 183 -19.82 -36.85 3.98
N ASP A 184 -18.75 -36.26 4.51
CA ASP A 184 -18.61 -36.10 5.95
C ASP A 184 -19.68 -35.15 6.53
N ARG A 185 -20.27 -34.32 5.68
CA ARG A 185 -21.20 -33.30 6.10
C ARG A 185 -22.61 -33.60 5.61
N GLY A 186 -22.83 -34.84 5.14
CA GLY A 186 -24.15 -35.26 4.70
C GLY A 186 -24.49 -34.93 3.25
N ILE A 187 -23.69 -34.07 2.62
CA ILE A 187 -23.91 -33.73 1.21
C ILE A 187 -23.57 -34.98 0.38
N SER A 188 -24.54 -35.50 -0.35
CA SER A 188 -24.27 -36.62 -1.27
C SER A 188 -23.43 -36.09 -2.43
N ALA A 189 -22.31 -36.76 -2.73
CA ALA A 189 -21.33 -36.28 -3.73
C ALA A 189 -20.74 -37.41 -4.57
N SER A 190 -20.12 -37.06 -5.68
CA SER A 190 -19.51 -38.06 -6.58
C SER A 190 -18.42 -37.43 -7.41
N VAL A 191 -17.29 -38.12 -7.55
CA VAL A 191 -16.30 -37.71 -8.53
C VAL A 191 -16.89 -37.92 -9.93
N GLN A 192 -16.71 -36.95 -10.81
CA GLN A 192 -17.22 -37.05 -12.18
C GLN A 192 -16.20 -36.43 -13.11
N PRO A 193 -16.26 -36.77 -14.41
CA PRO A 193 -15.43 -36.03 -15.36
C PRO A 193 -16.06 -34.66 -15.63
N ALA A 194 -15.29 -33.74 -16.22
CA ALA A 194 -15.75 -32.37 -16.42
C ALA A 194 -17.00 -32.26 -17.30
N GLU A 195 -17.12 -33.15 -18.30
CA GLU A 195 -18.28 -33.17 -19.18
C GLU A 195 -19.56 -33.13 -18.33
N GLU A 196 -19.77 -34.21 -17.56
CA GLU A 196 -20.95 -34.38 -16.72
C GLU A 196 -21.00 -33.43 -15.50
N ALA A 197 -19.83 -33.07 -14.96
CA ALA A 197 -19.76 -32.12 -13.83
C ALA A 197 -20.35 -30.76 -14.19
N SER A 198 -20.05 -30.28 -15.40
CA SER A 198 -20.58 -29.02 -15.89
C SER A 198 -22.12 -28.98 -16.11
N ARG A 199 -22.75 -30.16 -16.13
CA ARG A 199 -24.21 -30.26 -16.19
C ARG A 199 -24.80 -30.15 -14.77
N CYS A 200 -25.34 -28.98 -14.45
CA CYS A 200 -25.87 -28.70 -13.09
C CYS A 200 -26.70 -27.40 -13.02
N ASP A 201 -27.05 -26.99 -11.79
CA ASP A 201 -27.82 -25.76 -11.55
C ASP A 201 -26.87 -24.64 -11.22
N VAL A 202 -25.79 -24.99 -10.52
CA VAL A 202 -24.74 -24.05 -10.13
C VAL A 202 -23.38 -24.69 -10.37
N LEU A 203 -22.56 -24.00 -11.15
CA LEU A 203 -21.24 -24.48 -11.50
C LEU A 203 -20.21 -23.58 -10.87
N VAL A 204 -19.23 -24.19 -10.22
CA VAL A 204 -18.19 -23.42 -9.58
C VAL A 204 -16.81 -23.78 -10.15
N THR A 205 -16.27 -22.88 -10.96
CA THR A 205 -14.95 -23.09 -11.56
C THR A 205 -13.91 -22.33 -10.76
N THR A 206 -12.87 -23.05 -10.36
CA THR A 206 -11.82 -22.49 -9.50
C THR A 206 -10.40 -22.79 -10.02
N THR A 207 -10.31 -23.44 -11.19
CA THR A 207 -9.02 -23.80 -11.82
C THR A 207 -8.27 -22.56 -12.31
N PRO A 208 -6.94 -22.63 -12.35
CA PRO A 208 -6.22 -21.53 -12.98
C PRO A 208 -5.88 -21.93 -14.41
N SER A 209 -6.90 -22.42 -15.14
CA SER A 209 -6.76 -22.82 -16.53
C SER A 209 -6.34 -21.64 -17.45
N ARG A 210 -5.68 -21.94 -18.56
CA ARG A 210 -5.40 -20.91 -19.55
C ARG A 210 -6.13 -21.22 -20.85
N LYS A 211 -6.51 -22.47 -21.00
CA LYS A 211 -7.43 -22.86 -22.04
C LYS A 211 -8.78 -23.08 -21.34
N PRO A 212 -9.90 -22.84 -22.06
CA PRO A 212 -11.23 -23.17 -21.53
C PRO A 212 -11.42 -24.63 -21.03
N VAL A 213 -11.65 -24.80 -19.74
CA VAL A 213 -11.93 -26.10 -19.14
C VAL A 213 -13.37 -26.57 -19.43
N VAL A 214 -14.31 -25.63 -19.56
CA VAL A 214 -15.75 -25.92 -19.80
C VAL A 214 -16.18 -25.69 -21.26
N LYS A 215 -16.90 -26.63 -21.87
CA LYS A 215 -17.42 -26.45 -23.24
C LYS A 215 -18.86 -25.93 -23.25
N ALA A 216 -19.18 -25.13 -24.27
CA ALA A 216 -20.46 -24.41 -24.34
C ALA A 216 -21.68 -25.31 -24.27
N GLU A 217 -21.59 -26.42 -24.99
CA GLU A 217 -22.70 -27.38 -25.13
C GLU A 217 -22.94 -28.21 -23.87
N TRP A 218 -21.98 -28.21 -22.93
CA TRP A 218 -22.15 -28.91 -21.65
C TRP A 218 -23.07 -28.16 -20.69
N VAL A 219 -23.06 -26.83 -20.81
CA VAL A 219 -23.81 -25.97 -19.90
C VAL A 219 -25.29 -25.91 -20.30
N GLU A 220 -26.16 -26.34 -19.40
CA GLU A 220 -27.59 -26.39 -19.70
C GLU A 220 -28.31 -25.09 -19.36
N GLU A 221 -29.56 -25.03 -19.77
CA GLU A 221 -30.44 -23.89 -19.51
C GLU A 221 -30.70 -23.72 -18.00
N GLY A 222 -30.47 -22.51 -17.49
CA GLY A 222 -30.74 -22.20 -16.08
C GLY A 222 -29.54 -22.39 -15.16
N THR A 223 -28.42 -22.75 -15.75
CA THR A 223 -27.23 -22.95 -14.98
C THR A 223 -26.72 -21.58 -14.56
N HIS A 224 -26.18 -21.49 -13.35
CA HIS A 224 -25.42 -20.32 -12.94
C HIS A 224 -23.95 -20.71 -12.76
N ILE A 225 -23.04 -19.81 -13.13
CA ILE A 225 -21.61 -20.09 -13.05
C ILE A 225 -20.84 -19.06 -12.23
N ASN A 226 -20.17 -19.53 -11.19
CA ASN A 226 -19.25 -18.69 -10.48
C ASN A 226 -17.87 -18.93 -11.03
N ALA A 227 -17.44 -18.03 -11.91
CA ALA A 227 -16.14 -18.14 -12.54
C ALA A 227 -15.13 -17.47 -11.63
N ILE A 228 -14.53 -18.28 -10.75
CA ILE A 228 -13.65 -17.73 -9.73
C ILE A 228 -12.18 -17.85 -10.15
N GLY A 229 -11.89 -18.94 -10.86
CA GLY A 229 -10.54 -19.33 -11.26
C GLY A 229 -9.63 -18.23 -11.77
N ALA A 230 -10.01 -17.62 -12.91
CA ALA A 230 -9.15 -16.66 -13.63
C ALA A 230 -8.67 -15.47 -12.78
N ASP A 231 -7.35 -15.35 -12.64
CA ASP A 231 -6.75 -14.33 -11.79
C ASP A 231 -5.72 -13.45 -12.51
N GLY A 232 -5.81 -13.34 -13.83
CA GLY A 232 -4.82 -12.56 -14.56
C GLY A 232 -4.99 -12.64 -16.06
N PRO A 233 -4.27 -11.78 -16.79
CA PRO A 233 -4.40 -11.72 -18.25
C PRO A 233 -4.10 -13.08 -18.88
N GLY A 234 -4.97 -13.52 -19.79
CA GLY A 234 -4.79 -14.79 -20.48
C GLY A 234 -5.41 -16.01 -19.82
N LYS A 235 -5.63 -15.95 -18.52
CA LYS A 235 -6.34 -17.00 -17.82
C LYS A 235 -7.77 -17.01 -18.34
N GLN A 236 -8.35 -18.21 -18.47
CA GLN A 236 -9.78 -18.37 -18.74
C GLN A 236 -10.23 -19.82 -18.53
N GLU A 237 -11.52 -20.02 -18.33
CA GLU A 237 -12.04 -21.33 -17.98
C GLU A 237 -13.24 -21.69 -18.82
N LEU A 238 -13.94 -20.68 -19.29
CA LEU A 238 -15.19 -20.88 -20.00
C LEU A 238 -15.01 -20.72 -21.50
N ASP A 239 -15.71 -21.58 -22.25
CA ASP A 239 -15.84 -21.44 -23.69
C ASP A 239 -16.43 -20.06 -24.00
N VAL A 240 -15.69 -19.25 -24.76
CA VAL A 240 -16.11 -17.88 -25.11
C VAL A 240 -17.57 -17.81 -25.61
N GLU A 241 -18.10 -18.95 -26.05
CA GLU A 241 -19.49 -19.00 -26.55
C GLU A 241 -20.55 -19.09 -25.43
N ILE A 242 -20.12 -19.34 -24.20
CA ILE A 242 -21.02 -19.29 -23.05
C ILE A 242 -21.25 -17.81 -22.74
N LEU A 243 -20.14 -17.09 -22.65
CA LEU A 243 -20.13 -15.65 -22.46
C LEU A 243 -20.99 -14.93 -23.49
N LYS A 244 -20.94 -15.37 -24.75
CA LYS A 244 -21.71 -14.72 -25.81
C LYS A 244 -23.23 -14.83 -25.54
N LYS A 245 -23.64 -15.90 -24.85
CA LYS A 245 -25.07 -16.20 -24.62
C LYS A 245 -25.51 -16.11 -23.16
N ALA A 246 -24.91 -15.22 -22.37
CA ALA A 246 -25.17 -15.22 -20.94
C ALA A 246 -25.30 -13.83 -20.30
N LYS A 247 -26.00 -13.78 -19.16
CA LYS A 247 -26.08 -12.58 -18.34
C LYS A 247 -24.82 -12.46 -17.48
N ILE A 248 -23.89 -11.60 -17.90
CA ILE A 248 -22.59 -11.52 -17.22
C ILE A 248 -22.58 -10.43 -16.14
N VAL A 249 -22.16 -10.81 -14.94
CA VAL A 249 -22.15 -9.93 -13.78
C VAL A 249 -20.76 -10.00 -13.15
N VAL A 250 -20.21 -8.83 -12.80
CA VAL A 250 -18.83 -8.72 -12.39
C VAL A 250 -18.61 -8.23 -10.95
N ASP A 251 -17.53 -8.70 -10.34
CA ASP A 251 -16.89 -8.14 -9.17
C ASP A 251 -16.75 -6.62 -9.36
N ASP A 252 -16.05 -6.24 -10.43
CA ASP A 252 -15.56 -4.89 -10.70
C ASP A 252 -15.16 -4.91 -12.18
N LEU A 253 -15.71 -3.96 -12.96
CA LEU A 253 -15.56 -4.00 -14.41
C LEU A 253 -14.09 -3.99 -14.87
N GLU A 254 -13.32 -2.99 -14.46
CA GLU A 254 -11.86 -2.92 -14.73
C GLU A 254 -11.07 -4.23 -14.48
N GLN A 255 -11.13 -4.73 -13.24
CA GLN A 255 -10.36 -5.91 -12.83
C GLN A 255 -10.78 -7.19 -13.56
N ALA A 256 -12.06 -7.27 -13.92
CA ALA A 256 -12.55 -8.35 -14.76
C ALA A 256 -11.97 -8.25 -16.17
N LYS A 257 -12.00 -7.04 -16.75
CA LYS A 257 -11.51 -6.81 -18.11
C LYS A 257 -10.03 -7.15 -18.20
N HIS A 258 -9.31 -6.89 -17.12
CA HIS A 258 -7.88 -7.16 -17.07
C HIS A 258 -7.58 -8.63 -16.79
N GLY A 259 -8.14 -9.15 -15.70
CA GLY A 259 -7.72 -10.44 -15.13
C GLY A 259 -8.77 -11.53 -15.01
N GLY A 260 -10.03 -11.13 -14.86
CA GLY A 260 -11.14 -12.06 -14.67
C GLY A 260 -11.50 -12.88 -15.90
N GLU A 261 -12.60 -13.63 -15.79
CA GLU A 261 -13.06 -14.57 -16.82
C GLU A 261 -13.41 -13.91 -18.15
N ILE A 262 -13.75 -12.64 -18.12
CA ILE A 262 -14.11 -11.97 -19.36
C ILE A 262 -12.85 -11.54 -20.15
N ASN A 263 -11.72 -11.42 -19.44
CA ASN A 263 -10.49 -10.80 -19.96
C ASN A 263 -9.99 -11.28 -21.33
N VAL A 264 -10.14 -12.56 -21.62
CA VAL A 264 -9.70 -13.09 -22.91
C VAL A 264 -10.72 -12.74 -24.00
N ALA A 265 -12.00 -12.92 -23.70
CA ALA A 265 -13.08 -12.60 -24.64
C ALA A 265 -13.10 -11.12 -25.01
N VAL A 266 -12.76 -10.27 -24.03
CA VAL A 266 -12.67 -8.83 -24.24
C VAL A 266 -11.47 -8.48 -25.13
N SER A 267 -10.32 -9.08 -24.83
CA SER A 267 -9.08 -8.87 -25.61
C SER A 267 -9.20 -9.34 -27.06
N LYS A 268 -9.74 -10.54 -27.28
CA LYS A 268 -9.97 -11.04 -28.63
C LYS A 268 -11.12 -10.30 -29.32
N GLY A 269 -11.82 -9.45 -28.55
CA GLY A 269 -12.93 -8.65 -29.07
C GLY A 269 -14.14 -9.48 -29.43
N VAL A 270 -14.52 -10.37 -28.53
CA VAL A 270 -15.63 -11.29 -28.73
C VAL A 270 -16.87 -10.79 -27.94
N ILE A 271 -16.60 -10.31 -26.74
CA ILE A 271 -17.56 -9.49 -26.02
C ILE A 271 -16.81 -8.21 -25.66
N GLY A 272 -17.57 -7.17 -25.32
CA GLY A 272 -17.00 -5.90 -24.83
C GLY A 272 -17.63 -5.48 -23.51
N VAL A 273 -17.33 -4.24 -23.08
CA VAL A 273 -17.97 -3.61 -21.92
C VAL A 273 -19.51 -3.67 -22.01
N GLU A 274 -20.06 -3.28 -23.17
CA GLU A 274 -21.52 -3.29 -23.37
C GLU A 274 -22.21 -4.64 -23.10
N ASP A 275 -21.44 -5.73 -23.10
CA ASP A 275 -22.02 -7.06 -22.93
C ASP A 275 -22.16 -7.43 -21.48
N VAL A 276 -21.37 -6.78 -20.63
CA VAL A 276 -21.47 -6.98 -19.18
C VAL A 276 -22.80 -6.41 -18.75
N HIS A 277 -23.58 -7.22 -18.05
CA HIS A 277 -24.91 -6.82 -17.57
C HIS A 277 -24.84 -5.82 -16.40
N ALA A 278 -24.09 -6.18 -15.36
CA ALA A 278 -24.06 -5.38 -14.13
C ALA A 278 -22.87 -5.74 -13.26
N THR A 279 -22.51 -4.86 -12.35
CA THR A 279 -21.72 -5.31 -11.21
C THR A 279 -22.64 -5.97 -10.20
N ILE A 280 -22.13 -6.96 -9.47
CA ILE A 280 -22.91 -7.58 -8.41
C ILE A 280 -23.49 -6.54 -7.46
N GLY A 281 -22.66 -5.56 -7.07
CA GLY A 281 -23.08 -4.45 -6.21
C GLY A 281 -24.36 -3.82 -6.70
N GLU A 282 -24.39 -3.53 -7.99
CA GLU A 282 -25.54 -2.91 -8.61
C GLU A 282 -26.74 -3.83 -8.45
N VAL A 283 -26.51 -5.14 -8.59
CA VAL A 283 -27.62 -6.08 -8.47
C VAL A 283 -28.11 -6.13 -7.03
N ILE A 284 -27.19 -6.22 -6.07
CA ILE A 284 -27.56 -6.14 -4.67
C ILE A 284 -28.35 -4.87 -4.34
N ALA A 285 -27.88 -3.73 -4.85
CA ALA A 285 -28.49 -2.43 -4.55
C ALA A 285 -29.74 -2.13 -5.36
N GLY A 286 -30.11 -3.03 -6.26
CA GLY A 286 -31.31 -2.84 -7.08
C GLY A 286 -31.22 -1.79 -8.17
N LEU A 287 -29.98 -1.46 -8.58
CA LEU A 287 -29.76 -0.52 -9.69
C LEU A 287 -29.87 -1.22 -11.05
N LYS A 288 -29.76 -2.54 -11.03
CA LYS A 288 -29.84 -3.36 -12.24
C LYS A 288 -30.52 -4.66 -11.87
N ASP A 289 -30.99 -5.39 -12.87
CA ASP A 289 -31.81 -6.55 -12.59
C ASP A 289 -30.97 -7.78 -12.32
N GLY A 290 -31.49 -8.70 -11.51
CA GLY A 290 -30.80 -9.95 -11.22
C GLY A 290 -31.09 -10.98 -12.29
N ARG A 291 -31.48 -12.19 -11.86
CA ARG A 291 -31.99 -13.21 -12.78
C ARG A 291 -33.39 -12.81 -13.27
N GLU A 292 -33.67 -13.11 -14.54
CA GLU A 292 -35.01 -12.91 -15.10
C GLU A 292 -35.70 -14.25 -15.30
N SER A 293 -35.45 -14.88 -16.45
CA SER A 293 -36.07 -16.17 -16.79
C SER A 293 -35.33 -17.34 -16.15
N ASP A 294 -36.03 -18.47 -15.99
CA ASP A 294 -35.37 -19.72 -15.59
C ASP A 294 -34.30 -20.09 -16.59
N GLU A 295 -34.67 -20.11 -17.87
CA GLU A 295 -33.80 -20.60 -18.95
C GLU A 295 -32.42 -19.96 -19.07
N GLU A 296 -32.30 -18.65 -18.82
CA GLU A 296 -31.04 -17.93 -19.05
C GLU A 296 -29.87 -18.47 -18.20
N ILE A 297 -28.66 -18.40 -18.76
CA ILE A 297 -27.44 -18.81 -18.04
C ILE A 297 -26.71 -17.57 -17.55
N THR A 298 -26.29 -17.58 -16.28
CA THR A 298 -25.66 -16.42 -15.63
C THR A 298 -24.23 -16.69 -15.16
N ILE A 299 -23.37 -15.68 -15.25
CA ILE A 299 -21.98 -15.81 -14.83
C ILE A 299 -21.54 -14.73 -13.86
N PHE A 300 -21.10 -15.12 -12.68
CA PHE A 300 -20.43 -14.16 -11.81
C PHE A 300 -18.93 -14.24 -12.05
N ASP A 301 -18.35 -13.15 -12.52
CA ASP A 301 -16.90 -13.06 -12.70
C ASP A 301 -16.21 -12.45 -11.48
N SER A 302 -15.55 -13.27 -10.66
CA SER A 302 -14.93 -12.80 -9.41
C SER A 302 -13.44 -12.43 -9.58
N THR A 303 -13.06 -11.30 -8.99
CA THR A 303 -11.68 -10.80 -9.06
C THR A 303 -11.09 -10.39 -7.71
N GLY A 304 -11.94 -10.03 -6.74
CA GLY A 304 -11.47 -9.62 -5.41
C GLY A 304 -11.27 -8.12 -5.30
N LEU A 305 -11.94 -7.54 -4.30
CA LEU A 305 -11.98 -6.09 -4.06
C LEU A 305 -11.48 -5.75 -2.65
N ALA A 306 -10.73 -4.66 -2.52
CA ALA A 306 -10.13 -4.34 -1.22
C ALA A 306 -11.22 -4.10 -0.17
N ILE A 307 -12.37 -3.62 -0.62
CA ILE A 307 -13.50 -3.37 0.28
C ILE A 307 -13.95 -4.66 0.96
N GLN A 308 -13.92 -5.77 0.21
CA GLN A 308 -14.25 -7.06 0.79
C GLN A 308 -13.32 -7.32 1.96
N ASP A 309 -12.03 -7.06 1.76
CA ASP A 309 -11.03 -7.26 2.79
C ASP A 309 -11.19 -6.33 3.98
N VAL A 310 -11.35 -5.04 3.73
CA VAL A 310 -11.55 -4.14 4.87
C VAL A 310 -12.82 -4.50 5.65
N ALA A 311 -13.90 -4.72 4.91
CA ALA A 311 -15.19 -5.12 5.48
C ALA A 311 -15.13 -6.33 6.43
N VAL A 312 -14.46 -7.41 6.02
CA VAL A 312 -14.30 -8.55 6.93
C VAL A 312 -13.31 -8.29 8.05
N ALA A 313 -12.24 -7.52 7.81
CA ALA A 313 -11.33 -7.15 8.91
C ALA A 313 -12.05 -6.44 10.07
N LYS A 314 -12.97 -5.55 9.72
CA LYS A 314 -13.82 -4.88 10.71
C LYS A 314 -14.54 -5.90 11.59
N VAL A 315 -15.10 -6.92 10.95
CA VAL A 315 -15.74 -8.00 11.68
C VAL A 315 -14.73 -8.71 12.60
N VAL A 316 -13.62 -9.18 12.05
CA VAL A 316 -12.60 -9.88 12.83
C VAL A 316 -12.21 -9.02 14.02
N TYR A 317 -11.79 -7.80 13.71
CA TYR A 317 -11.27 -6.92 14.73
C TYR A 317 -12.25 -6.72 15.88
N GLU A 318 -13.49 -6.36 15.56
CA GLU A 318 -14.45 -6.00 16.60
C GLU A 318 -14.78 -7.20 17.48
N ASN A 319 -14.75 -8.39 16.86
CA ASN A 319 -14.92 -9.64 17.61
C ASN A 319 -13.71 -9.86 18.50
N ALA A 320 -12.50 -9.68 17.96
CA ALA A 320 -11.26 -9.79 18.76
C ALA A 320 -11.34 -8.95 20.03
N LEU A 321 -11.90 -7.75 19.90
CA LEU A 321 -12.10 -6.87 21.04
C LEU A 321 -13.12 -7.48 22.02
N SER A 322 -14.24 -7.98 21.48
CA SER A 322 -15.25 -8.70 22.28
C SER A 322 -14.60 -9.82 23.09
N LYS A 323 -13.93 -10.73 22.39
CA LYS A 323 -13.42 -11.95 23.01
C LYS A 323 -12.01 -11.81 23.61
N ASN A 324 -11.47 -10.58 23.65
CA ASN A 324 -10.14 -10.30 24.23
C ASN A 324 -9.01 -11.17 23.65
N VAL A 325 -8.83 -11.11 22.33
CA VAL A 325 -7.91 -12.00 21.62
C VAL A 325 -6.79 -11.21 20.94
N GLY A 326 -5.58 -11.77 20.93
CA GLY A 326 -4.45 -11.16 20.23
C GLY A 326 -3.34 -10.67 21.15
N SER A 327 -2.21 -10.28 20.55
CA SER A 327 -1.17 -9.60 21.30
C SER A 327 -1.35 -8.09 21.11
N LYS A 328 -1.04 -7.32 22.15
CA LYS A 328 -1.08 -5.87 22.06
C LYS A 328 0.35 -5.34 21.91
N ILE A 329 0.57 -4.56 20.85
CA ILE A 329 1.88 -3.91 20.60
C ILE A 329 1.74 -2.39 20.59
N LYS A 330 2.63 -1.71 21.31
CA LYS A 330 2.64 -0.25 21.35
C LYS A 330 3.71 0.25 20.40
N PHE A 331 3.31 0.62 19.19
CA PHE A 331 4.26 1.03 18.16
C PHE A 331 4.93 2.38 18.40
N PHE A 332 4.25 3.29 19.10
CA PHE A 332 4.72 4.67 19.15
C PHE A 332 4.92 5.31 20.54
N ARG A 333 5.52 6.50 20.54
CA ARG A 333 5.85 7.23 21.76
C ARG A 333 5.06 8.53 21.87
N MET B 13 9.52 -20.01 9.40
CA MET B 13 9.68 -18.53 9.28
C MET B 13 8.63 -17.75 10.08
N GLU B 14 9.10 -16.72 10.80
CA GLU B 14 8.25 -15.80 11.53
C GLU B 14 8.53 -14.34 11.16
N THR B 15 7.66 -13.43 11.60
CA THR B 15 7.75 -12.01 11.23
C THR B 15 8.25 -11.20 12.42
N LEU B 16 9.26 -10.36 12.18
CA LEU B 16 9.83 -9.53 13.23
C LEU B 16 9.01 -8.26 13.44
N ILE B 17 8.75 -7.92 14.69
CA ILE B 17 8.00 -6.71 14.99
C ILE B 17 8.84 -5.77 15.85
N LEU B 18 9.04 -4.55 15.36
CA LEU B 18 9.91 -3.60 16.05
C LEU B 18 9.17 -2.27 16.34
N THR B 19 9.18 -1.82 17.59
CA THR B 19 8.51 -0.56 17.95
C THR B 19 9.44 0.62 17.80
N GLN B 20 8.87 1.81 17.83
CA GLN B 20 9.63 3.05 17.71
C GLN B 20 10.91 3.02 18.56
N GLU B 21 10.76 2.80 19.86
CA GLU B 21 11.90 2.68 20.77
C GLU B 21 13.00 1.78 20.22
N GLU B 22 12.61 0.59 19.80
CA GLU B 22 13.55 -0.39 19.29
C GLU B 22 14.28 0.12 18.04
N VAL B 23 13.51 0.59 17.05
CA VAL B 23 14.08 1.12 15.80
C VAL B 23 15.07 2.23 16.06
N GLU B 24 14.73 3.12 16.99
CA GLU B 24 15.58 4.27 17.32
C GLU B 24 17.02 3.85 17.57
N SER B 25 17.18 2.78 18.36
CA SER B 25 18.48 2.27 18.77
C SER B 25 19.15 1.38 17.71
N LEU B 26 18.45 1.16 16.59
CA LEU B 26 18.89 0.22 15.57
C LEU B 26 19.48 0.83 14.30
N ILE B 27 19.55 2.17 14.24
CA ILE B 27 20.11 2.86 13.08
C ILE B 27 20.69 4.22 13.45
N SER B 28 21.86 4.53 12.91
CA SER B 28 22.55 5.79 13.16
C SER B 28 22.40 6.69 11.97
N MET B 29 22.59 7.99 12.19
CA MET B 29 22.50 8.97 11.11
C MET B 29 23.41 8.57 9.95
N ASP B 30 24.60 8.11 10.31
CA ASP B 30 25.62 7.68 9.36
C ASP B 30 25.13 6.55 8.44
N GLU B 31 24.65 5.47 9.04
CA GLU B 31 24.07 4.37 8.28
C GLU B 31 22.99 4.90 7.35
N ALA B 32 22.13 5.76 7.91
CA ALA B 32 20.97 6.31 7.21
C ALA B 32 21.38 7.13 6.00
N MET B 33 22.44 7.92 6.17
CA MET B 33 22.98 8.69 5.06
C MET B 33 23.46 7.80 3.91
N ASN B 34 24.25 6.77 4.22
CA ASN B 34 24.68 5.80 3.22
C ASN B 34 23.50 5.12 2.52
N ALA B 35 22.50 4.72 3.31
CA ALA B 35 21.37 4.04 2.75
C ALA B 35 20.70 4.98 1.75
N VAL B 36 20.39 6.20 2.19
CA VAL B 36 19.72 7.19 1.36
C VAL B 36 20.51 7.57 0.10
N GLU B 37 21.81 7.83 0.28
CA GLU B 37 22.70 8.17 -0.84
C GLU B 37 22.59 7.06 -1.88
N GLU B 38 22.86 5.83 -1.45
CA GLU B 38 22.86 4.70 -2.36
C GLU B 38 21.47 4.52 -2.99
N ALA B 39 20.43 4.80 -2.23
CA ALA B 39 19.08 4.68 -2.74
C ALA B 39 18.82 5.68 -3.85
N PHE B 40 19.25 6.93 -3.66
CA PHE B 40 19.06 7.92 -4.71
C PHE B 40 19.78 7.45 -5.95
N ARG B 41 21.03 7.01 -5.79
CA ARG B 41 21.87 6.63 -6.90
C ARG B 41 21.27 5.45 -7.67
N LEU B 42 20.91 4.39 -6.95
CA LEU B 42 20.35 3.22 -7.59
C LEU B 42 19.12 3.57 -8.38
N TYR B 43 18.30 4.46 -7.84
CA TYR B 43 17.06 4.82 -8.53
C TYR B 43 17.36 5.58 -9.81
N ALA B 44 18.33 6.51 -9.74
CA ALA B 44 18.75 7.29 -10.89
C ALA B 44 19.29 6.40 -12.01
N LEU B 45 19.80 5.22 -11.66
CA LEU B 45 20.41 4.32 -12.63
C LEU B 45 19.46 3.25 -13.10
N GLY B 46 18.22 3.34 -12.66
CA GLY B 46 17.20 2.37 -13.06
C GLY B 46 17.24 1.04 -12.33
N LYS B 47 17.87 1.01 -11.16
CA LYS B 47 18.02 -0.22 -10.41
C LYS B 47 17.17 -0.22 -9.13
N ALA B 48 16.06 0.52 -9.16
CA ALA B 48 15.12 0.53 -8.03
C ALA B 48 13.70 0.79 -8.52
N GLN B 49 12.73 0.19 -7.87
CA GLN B 49 11.34 0.24 -8.27
C GLN B 49 10.55 1.09 -7.27
N MET B 50 9.90 2.14 -7.77
CA MET B 50 9.07 2.98 -6.92
C MET B 50 7.81 3.43 -7.67
N PRO B 51 6.70 2.68 -7.54
CA PRO B 51 5.49 3.12 -8.23
C PRO B 51 4.90 4.30 -7.47
N PRO B 52 3.94 5.01 -8.10
CA PRO B 52 3.32 6.20 -7.49
C PRO B 52 2.66 5.93 -6.13
N LYS B 53 2.74 6.91 -5.22
CA LYS B 53 1.99 6.90 -3.98
C LYS B 53 0.50 6.65 -4.21
N VAL B 54 -0.15 6.01 -3.25
CA VAL B 54 -1.61 5.87 -3.24
C VAL B 54 -2.22 6.54 -2.02
N TYR B 55 -3.28 7.30 -2.27
CA TYR B 55 -3.94 8.11 -1.24
C TYR B 55 -5.32 7.61 -0.86
N LEU B 56 -5.65 7.74 0.42
CA LEU B 56 -6.99 7.53 0.88
C LEU B 56 -7.36 8.83 1.61
N GLU B 57 -8.33 9.56 1.08
CA GLU B 57 -8.70 10.89 1.64
C GLU B 57 -9.76 10.77 2.72
N PHE B 58 -9.57 11.44 3.85
CA PHE B 58 -10.67 11.59 4.84
C PHE B 58 -11.03 13.06 5.12
N GLU B 59 -12.19 13.29 5.71
CA GLU B 59 -12.56 14.63 6.16
C GLU B 59 -11.42 15.20 7.03
N LYS B 60 -10.97 14.45 8.03
CA LYS B 60 -10.04 14.99 9.02
C LYS B 60 -8.55 14.69 8.80
N GLY B 61 -8.18 14.15 7.64
CA GLY B 61 -6.80 13.73 7.38
C GLY B 61 -6.64 12.82 6.17
N ASP B 62 -5.57 12.02 6.13
CA ASP B 62 -5.38 11.04 5.04
C ASP B 62 -4.38 9.92 5.36
N LEU B 63 -4.35 8.87 4.53
CA LEU B 63 -3.37 7.76 4.59
C LEU B 63 -2.71 7.57 3.21
N ARG B 64 -1.41 7.30 3.18
CA ARG B 64 -0.68 7.04 1.94
C ARG B 64 -0.03 5.68 1.97
N ALA B 65 -0.11 4.98 0.84
CA ALA B 65 0.71 3.79 0.64
C ALA B 65 1.87 4.12 -0.30
N MET B 66 3.09 3.85 0.16
CA MET B 66 4.30 4.08 -0.63
C MET B 66 5.13 2.81 -0.68
N PRO B 67 4.94 2.00 -1.72
CA PRO B 67 5.80 0.83 -1.87
C PRO B 67 7.07 1.16 -2.64
N ALA B 68 8.10 0.36 -2.46
CA ALA B 68 9.32 0.46 -3.26
C ALA B 68 10.04 -0.87 -3.25
N HIS B 69 10.93 -1.05 -4.22
CA HIS B 69 11.76 -2.27 -4.31
C HIS B 69 13.16 -1.92 -4.76
N LEU B 70 14.15 -2.17 -3.89
CA LEU B 70 15.57 -2.01 -4.22
C LEU B 70 16.43 -2.73 -3.21
N MET B 71 17.73 -2.84 -3.53
CA MET B 71 18.74 -3.47 -2.66
C MET B 71 18.28 -4.84 -2.16
N GLY B 72 17.59 -5.61 -3.00
CA GLY B 72 17.13 -6.94 -2.61
C GLY B 72 16.08 -6.99 -1.51
N TYR B 73 15.33 -5.89 -1.37
CA TYR B 73 14.23 -5.85 -0.43
C TYR B 73 13.05 -5.11 -1.05
N ALA B 74 11.85 -5.53 -0.68
CA ALA B 74 10.66 -4.81 -1.02
C ALA B 74 9.93 -4.43 0.26
N GLY B 75 9.19 -3.32 0.20
CA GLY B 75 8.45 -2.87 1.36
C GLY B 75 7.39 -1.86 1.00
N LEU B 76 6.48 -1.66 1.95
CA LEU B 76 5.44 -0.67 1.81
C LEU B 76 5.37 0.07 3.12
N LYS B 77 5.42 1.40 3.06
CA LYS B 77 5.11 2.23 4.21
C LYS B 77 3.68 2.73 4.06
N TRP B 78 3.00 2.80 5.19
CA TRP B 78 1.58 3.12 5.25
C TRP B 78 1.55 4.17 6.34
N VAL B 79 1.30 5.42 5.94
CA VAL B 79 1.50 6.57 6.83
C VAL B 79 0.38 7.58 6.72
N ASN B 80 -0.08 8.05 7.87
CA ASN B 80 -1.20 8.95 7.88
C ASN B 80 -0.73 10.35 8.15
N SER B 81 -1.66 11.30 8.07
CA SER B 81 -1.42 12.70 8.40
C SER B 81 -2.76 13.29 8.80
N HIS B 82 -2.91 13.48 10.11
CA HIS B 82 -4.13 14.01 10.70
C HIS B 82 -3.74 15.16 11.63
N PRO B 83 -3.97 16.40 11.17
CA PRO B 83 -3.52 17.59 11.84
C PRO B 83 -4.18 17.75 13.19
N GLY B 84 -5.43 17.32 13.31
CA GLY B 84 -6.18 17.46 14.57
C GLY B 84 -5.69 16.58 15.70
N ASN B 85 -4.77 15.67 15.40
CA ASN B 85 -4.34 14.66 16.37
C ASN B 85 -3.67 15.17 17.65
N PRO B 86 -2.71 16.10 17.55
CA PRO B 86 -2.19 16.74 18.75
C PRO B 86 -3.30 17.07 19.75
N ASP B 87 -4.32 17.83 19.32
CA ASP B 87 -5.43 18.22 20.22
C ASP B 87 -6.16 17.00 20.84
N LYS B 88 -6.02 15.83 20.18
CA LYS B 88 -6.57 14.53 20.66
C LYS B 88 -5.55 13.68 21.46
N GLY B 89 -4.32 14.19 21.57
CA GLY B 89 -3.26 13.50 22.31
C GLY B 89 -2.44 12.48 21.53
N LEU B 90 -2.61 12.42 20.21
CA LEU B 90 -1.81 11.53 19.36
C LEU B 90 -0.91 12.34 18.42
N PRO B 91 0.13 11.69 17.83
CA PRO B 91 1.02 12.42 16.94
C PRO B 91 0.34 12.70 15.61
N THR B 92 0.71 13.80 14.96
CA THR B 92 0.10 14.17 13.69
C THR B 92 0.33 13.09 12.66
N VAL B 93 1.48 12.41 12.76
CA VAL B 93 1.90 11.50 11.71
C VAL B 93 2.43 10.20 12.29
N MET B 94 1.75 9.11 11.92
CA MET B 94 2.14 7.74 12.31
C MET B 94 2.38 6.90 11.05
N ALA B 95 3.48 6.15 11.04
CA ALA B 95 3.87 5.36 9.87
C ALA B 95 4.28 3.97 10.29
N LEU B 96 3.69 2.97 9.65
CA LEU B 96 4.17 1.60 9.79
C LEU B 96 4.74 1.20 8.46
N MET B 97 5.72 0.31 8.52
CA MET B 97 6.43 -0.19 7.33
C MET B 97 6.41 -1.70 7.36
N ILE B 98 5.97 -2.31 6.27
CA ILE B 98 6.03 -3.74 6.16
C ILE B 98 7.20 -3.99 5.24
N LEU B 99 8.16 -4.80 5.68
CA LEU B 99 9.35 -5.13 4.89
C LEU B 99 9.29 -6.57 4.40
N ASN B 100 9.52 -6.78 3.09
CA ASN B 100 9.36 -8.09 2.45
C ASN B 100 10.54 -8.66 1.70
N SER B 101 10.59 -9.98 1.53
CA SER B 101 11.54 -10.61 0.59
C SER B 101 10.97 -10.63 -0.82
N PRO B 102 11.72 -10.10 -1.80
CA PRO B 102 11.27 -10.17 -3.19
C PRO B 102 11.25 -11.60 -3.74
N GLU B 103 11.84 -12.53 -3.00
CA GLU B 103 11.98 -13.93 -3.44
C GLU B 103 10.73 -14.75 -3.17
N THR B 104 10.12 -14.50 -2.02
CA THR B 104 9.04 -15.32 -1.54
C THR B 104 7.81 -14.49 -1.31
N GLY B 105 8.01 -13.19 -1.14
CA GLY B 105 6.92 -12.31 -0.76
C GLY B 105 6.78 -12.22 0.75
N PHE B 106 7.52 -13.06 1.48
CA PHE B 106 7.34 -13.13 2.94
C PHE B 106 7.53 -11.78 3.64
N PRO B 107 6.58 -11.44 4.51
CA PRO B 107 6.64 -10.27 5.39
C PRO B 107 7.69 -10.41 6.48
N LEU B 108 8.93 -10.05 6.15
CA LEU B 108 10.03 -10.21 7.10
C LEU B 108 9.78 -9.46 8.40
N ALA B 109 9.27 -8.23 8.29
CA ALA B 109 9.12 -7.39 9.46
C ALA B 109 8.04 -6.35 9.32
N VAL B 110 7.43 -6.01 10.45
CA VAL B 110 6.50 -4.91 10.54
C VAL B 110 7.04 -4.00 11.66
N MET B 111 7.37 -2.76 11.32
CA MET B 111 8.16 -1.91 12.20
C MET B 111 7.65 -0.49 12.15
N ASP B 112 7.89 0.28 13.20
CA ASP B 112 7.56 1.70 13.15
C ASP B 112 8.39 2.40 12.07
N ALA B 113 7.77 3.37 11.41
CA ALA B 113 8.46 4.15 10.41
C ALA B 113 8.29 5.64 10.67
N THR B 114 7.70 5.97 11.81
CA THR B 114 7.54 7.36 12.19
C THR B 114 8.92 7.97 12.33
N TYR B 115 9.75 7.36 13.16
CA TYR B 115 11.10 7.84 13.43
C TYR B 115 11.96 7.82 12.18
N THR B 116 11.93 6.69 11.47
CA THR B 116 12.81 6.52 10.32
C THR B 116 12.52 7.54 9.24
N THR B 117 11.25 7.92 9.09
CA THR B 117 10.86 8.94 8.12
C THR B 117 11.58 10.25 8.42
N SER B 118 11.46 10.72 9.66
CA SER B 118 12.17 11.90 10.09
C SER B 118 13.66 11.75 9.84
N LEU B 119 14.18 10.54 10.12
CA LEU B 119 15.62 10.29 10.05
C LEU B 119 16.12 10.38 8.61
N ARG B 120 15.37 9.82 7.68
CA ARG B 120 15.85 9.77 6.31
C ARG B 120 15.65 11.08 5.57
N THR B 121 14.81 11.95 6.12
CA THR B 121 14.60 13.23 5.44
C THR B 121 15.79 14.12 5.78
N GLY B 122 16.22 14.02 7.04
CA GLY B 122 17.43 14.68 7.51
C GLY B 122 18.64 14.15 6.76
N ALA B 123 18.81 12.82 6.78
CA ALA B 123 19.85 12.16 5.99
C ALA B 123 19.94 12.76 4.59
N ALA B 124 18.78 12.84 3.94
CA ALA B 124 18.67 13.38 2.58
C ALA B 124 19.21 14.82 2.51
N GLY B 125 18.91 15.63 3.51
CA GLY B 125 19.42 17.00 3.57
C GLY B 125 20.94 17.00 3.61
N GLY B 126 21.48 16.15 4.47
CA GLY B 126 22.92 16.01 4.60
C GLY B 126 23.57 15.66 3.29
N ILE B 127 23.04 14.65 2.63
CA ILE B 127 23.59 14.22 1.36
C ILE B 127 23.55 15.32 0.33
N ALA B 128 22.41 16.01 0.26
CA ALA B 128 22.21 17.03 -0.76
C ALA B 128 23.19 18.15 -0.54
N ALA B 129 23.35 18.56 0.72
CA ALA B 129 24.31 19.58 1.06
C ALA B 129 25.70 19.06 0.74
N LYS B 130 25.94 17.78 0.99
CA LYS B 130 27.24 17.15 0.71
C LYS B 130 27.62 17.34 -0.74
N TYR B 131 26.66 17.27 -1.64
CA TYR B 131 26.94 17.39 -3.07
C TYR B 131 26.70 18.78 -3.63
N LEU B 132 25.99 19.64 -2.90
CA LEU B 132 25.56 20.90 -3.50
C LEU B 132 26.08 22.17 -2.82
N ALA B 133 26.41 22.09 -1.54
CA ALA B 133 26.89 23.26 -0.82
C ALA B 133 28.37 23.45 -1.11
N ARG B 134 28.86 24.67 -0.89
CA ARG B 134 30.29 24.93 -0.94
C ARG B 134 30.97 24.16 0.18
N LYS B 135 32.07 23.50 -0.17
CA LYS B 135 32.89 22.72 0.77
C LYS B 135 33.40 23.55 1.97
N ASN B 136 33.70 24.84 1.77
CA ASN B 136 34.13 25.75 2.84
C ASN B 136 33.00 26.27 3.77
N SER B 137 31.82 25.63 3.75
CA SER B 137 30.63 26.12 4.48
C SER B 137 30.76 26.02 6.02
N SER B 138 30.56 27.16 6.69
CA SER B 138 30.78 27.29 8.15
C SER B 138 29.55 27.84 8.91
N VAL B 139 28.86 28.83 8.34
CA VAL B 139 27.68 29.43 8.95
C VAL B 139 26.40 28.77 8.41
N PHE B 140 25.52 28.33 9.32
CA PHE B 140 24.31 27.57 8.96
C PHE B 140 23.02 28.20 9.51
N GLY B 141 22.06 28.42 8.62
CA GLY B 141 20.80 29.06 9.00
C GLY B 141 19.65 28.07 9.04
N PHE B 142 18.82 28.20 10.07
CA PHE B 142 17.62 27.38 10.18
C PHE B 142 16.39 28.26 10.25
N ILE B 143 15.56 28.15 9.23
CA ILE B 143 14.32 28.87 9.23
C ILE B 143 13.24 27.88 9.59
N GLY B 144 12.84 27.89 10.87
CA GLY B 144 11.96 26.88 11.44
C GLY B 144 12.79 25.97 12.32
N CYS B 145 12.39 25.86 13.59
CA CYS B 145 13.09 25.07 14.57
C CYS B 145 12.23 23.93 15.11
N GLY B 146 11.49 23.29 14.23
CA GLY B 146 10.73 22.09 14.61
C GLY B 146 11.55 20.80 14.49
N THR B 147 10.87 19.68 14.70
CA THR B 147 11.46 18.36 14.72
C THR B 147 12.42 18.09 13.55
N GLN B 148 12.01 18.45 12.34
CA GLN B 148 12.85 18.18 11.19
C GLN B 148 14.17 18.98 11.15
N ALA B 149 14.17 20.18 11.71
CA ALA B 149 15.38 21.03 11.75
C ALA B 149 16.48 20.39 12.60
N TYR B 150 16.04 19.63 13.60
CA TYR B 150 16.94 18.87 14.43
C TYR B 150 17.63 17.79 13.59
N PHE B 151 16.83 17.01 12.86
CA PHE B 151 17.35 15.94 12.01
C PHE B 151 18.26 16.49 10.93
N GLN B 152 17.81 17.54 10.25
CA GLN B 152 18.60 18.24 9.27
C GLN B 152 19.97 18.65 9.86
N LEU B 153 19.96 19.22 11.08
CA LEU B 153 21.19 19.58 11.78
C LEU B 153 22.02 18.33 12.02
N GLU B 154 21.43 17.33 12.66
CA GLU B 154 22.18 16.15 13.01
C GLU B 154 22.89 15.55 11.79
N ALA B 155 22.20 15.44 10.67
CA ALA B 155 22.81 14.94 9.42
C ALA B 155 23.86 15.89 8.87
N LEU B 156 23.53 17.18 8.83
CA LEU B 156 24.47 18.15 8.29
C LEU B 156 25.78 18.14 9.04
N ARG B 157 25.72 17.88 10.35
CA ARG B 157 26.95 17.88 11.14
C ARG B 157 27.75 16.59 11.00
N ARG B 158 27.25 15.65 10.20
CA ARG B 158 28.05 14.50 9.81
C ARG B 158 28.97 14.87 8.67
N VAL B 159 28.71 16.02 8.04
CA VAL B 159 29.40 16.40 6.82
C VAL B 159 30.17 17.72 6.95
N PHE B 160 29.97 18.41 8.06
CA PHE B 160 30.52 19.75 8.24
C PHE B 160 30.88 20.05 9.68
N ASP B 161 32.08 20.57 9.92
CA ASP B 161 32.32 21.22 11.20
C ASP B 161 31.50 22.52 11.09
N ILE B 162 30.28 22.50 11.62
CA ILE B 162 29.42 23.69 11.60
C ILE B 162 29.92 24.76 12.60
N GLY B 163 30.43 25.86 12.06
CA GLY B 163 31.03 26.92 12.84
C GLY B 163 30.05 27.75 13.67
N GLU B 164 28.98 28.21 13.03
CA GLU B 164 27.91 29.00 13.68
C GLU B 164 26.54 28.53 13.19
N VAL B 165 25.56 28.51 14.08
CA VAL B 165 24.18 28.27 13.68
C VAL B 165 23.36 29.54 13.95
N LYS B 166 22.47 29.89 13.02
CA LYS B 166 21.53 30.98 13.25
C LYS B 166 20.11 30.43 13.13
N ALA B 167 19.34 30.59 14.20
CA ALA B 167 18.04 29.96 14.30
C ALA B 167 16.90 30.96 14.39
N TYR B 168 15.98 30.89 13.42
CA TYR B 168 14.74 31.63 13.48
C TYR B 168 13.55 30.67 13.62
N ASP B 169 12.56 31.07 14.43
CA ASP B 169 11.24 30.41 14.42
C ASP B 169 10.17 31.44 14.76
N VAL B 170 8.95 31.19 14.29
CA VAL B 170 7.79 31.99 14.64
C VAL B 170 7.55 32.00 16.17
N ARG B 171 7.70 30.84 16.82
CA ARG B 171 7.62 30.73 18.29
C ARG B 171 8.98 30.93 18.95
N GLU B 172 9.06 31.93 19.83
CA GLU B 172 10.28 32.32 20.55
C GLU B 172 10.94 31.15 21.30
N LYS B 173 10.14 30.42 22.07
CA LYS B 173 10.59 29.27 22.85
C LYS B 173 11.25 28.17 21.98
N ALA B 174 10.62 27.84 20.86
CA ALA B 174 11.12 26.80 19.94
C ALA B 174 12.51 27.12 19.40
N ALA B 175 12.73 28.39 19.07
CA ALA B 175 14.02 28.87 18.63
C ALA B 175 15.04 28.61 19.75
N LYS B 176 14.81 29.24 20.90
CA LYS B 176 15.65 29.05 22.10
C LYS B 176 15.96 27.56 22.36
N LYS B 177 14.93 26.71 22.42
CA LYS B 177 15.14 25.27 22.70
C LYS B 177 16.15 24.66 21.72
N PHE B 178 16.03 25.04 20.45
CA PHE B 178 16.96 24.61 19.40
C PHE B 178 18.38 25.11 19.68
N VAL B 179 18.50 26.39 19.99
CA VAL B 179 19.80 26.98 20.30
C VAL B 179 20.47 26.26 21.49
N SER B 180 19.71 25.98 22.56
CA SER B 180 20.20 25.27 23.74
C SER B 180 20.74 23.88 23.36
N TYR B 181 20.04 23.23 22.43
CA TYR B 181 20.43 21.93 21.89
C TYR B 181 21.76 21.97 21.14
N CYS B 182 22.00 23.06 20.41
CA CYS B 182 23.27 23.28 19.69
C CYS B 182 24.43 23.52 20.63
N GLU B 183 24.23 24.45 21.56
CA GLU B 183 25.24 24.83 22.57
C GLU B 183 25.57 23.64 23.48
N ASP B 184 24.61 22.71 23.64
CA ASP B 184 24.83 21.43 24.33
C ASP B 184 25.90 20.57 23.67
N ARG B 185 26.01 20.67 22.35
CA ARG B 185 26.97 19.84 21.62
C ARG B 185 28.14 20.64 21.01
N GLY B 186 28.40 21.81 21.58
CA GLY B 186 29.59 22.58 21.21
C GLY B 186 29.42 23.55 20.06
N ILE B 187 28.39 23.35 19.24
CA ILE B 187 28.06 24.31 18.18
C ILE B 187 27.70 25.65 18.84
N SER B 188 28.44 26.70 18.51
CA SER B 188 28.07 28.05 18.91
C SER B 188 26.85 28.45 18.05
N ALA B 189 25.81 28.99 18.70
CA ALA B 189 24.55 29.31 18.03
C ALA B 189 23.90 30.56 18.61
N SER B 190 22.90 31.10 17.91
CA SER B 190 22.23 32.33 18.33
C SER B 190 20.83 32.39 17.72
N VAL B 191 19.83 32.70 18.53
CA VAL B 191 18.52 33.03 17.98
C VAL B 191 18.68 34.33 17.18
N GLN B 192 18.16 34.35 15.96
CA GLN B 192 18.18 35.57 15.15
C GLN B 192 16.85 35.71 14.42
N PRO B 193 16.49 36.95 13.98
CA PRO B 193 15.30 37.09 13.15
C PRO B 193 15.56 36.57 11.73
N ALA B 194 14.50 36.39 10.95
CA ALA B 194 14.59 35.71 9.66
C ALA B 194 15.53 36.43 8.69
N GLU B 195 15.50 37.77 8.74
CA GLU B 195 16.33 38.58 7.86
C GLU B 195 17.78 38.09 7.90
N GLU B 196 18.42 38.23 9.08
CA GLU B 196 19.84 37.83 9.29
C GLU B 196 20.08 36.31 9.28
N ALA B 197 19.09 35.52 9.68
CA ALA B 197 19.22 34.06 9.67
C ALA B 197 19.43 33.54 8.23
N SER B 198 18.64 34.08 7.29
CA SER B 198 18.74 33.75 5.86
C SER B 198 20.13 34.04 5.23
N ARG B 199 20.95 34.87 5.89
CA ARG B 199 22.31 35.17 5.41
C ARG B 199 23.32 34.19 5.98
N CYS B 200 23.77 33.25 5.13
CA CYS B 200 24.64 32.13 5.55
C CYS B 200 25.21 31.34 4.36
N ASP B 201 25.85 30.22 4.68
CA ASP B 201 26.45 29.34 3.66
C ASP B 201 25.45 28.25 3.29
N VAL B 202 24.70 27.79 4.30
CA VAL B 202 23.72 26.72 4.14
C VAL B 202 22.47 27.15 4.90
N LEU B 203 21.36 27.20 4.20
CA LEU B 203 20.11 27.56 4.82
C LEU B 203 19.16 26.36 4.81
N VAL B 204 18.53 26.13 5.96
CA VAL B 204 17.62 25.01 6.11
C VAL B 204 16.23 25.46 6.52
N THR B 205 15.33 25.39 5.54
CA THR B 205 13.94 25.78 5.63
C THR B 205 13.09 24.58 6.02
N THR B 206 12.34 24.67 7.12
CA THR B 206 11.52 23.52 7.55
C THR B 206 10.08 23.91 7.90
N THR B 207 9.78 25.19 7.72
CA THR B 207 8.47 25.77 8.02
C THR B 207 7.43 25.20 7.09
N PRO B 208 6.17 25.18 7.56
CA PRO B 208 5.06 24.80 6.69
C PRO B 208 4.35 26.09 6.23
N SER B 209 5.15 27.10 5.86
CA SER B 209 4.63 28.39 5.40
C SER B 209 3.85 28.28 4.08
N ARG B 210 2.94 29.22 3.88
CA ARG B 210 2.15 29.24 2.66
C ARG B 210 2.50 30.50 1.89
N LYS B 211 3.00 31.49 2.61
CA LYS B 211 3.63 32.64 1.97
C LYS B 211 5.14 32.42 2.10
N PRO B 212 5.95 33.02 1.19
CA PRO B 212 7.41 32.91 1.30
C PRO B 212 7.97 33.53 2.59
N VAL B 213 8.69 32.74 3.39
CA VAL B 213 9.28 33.21 4.65
C VAL B 213 10.61 33.91 4.38
N VAL B 214 11.30 33.50 3.31
CA VAL B 214 12.60 34.07 2.93
C VAL B 214 12.50 35.05 1.76
N LYS B 215 13.17 36.20 1.88
CA LYS B 215 13.23 37.22 0.81
C LYS B 215 14.47 37.08 -0.08
N ALA B 216 14.30 37.33 -1.38
CA ALA B 216 15.35 37.13 -2.40
C ALA B 216 16.69 37.79 -2.08
N GLU B 217 16.63 39.06 -1.67
CA GLU B 217 17.85 39.81 -1.48
C GLU B 217 18.49 39.53 -0.12
N TRP B 218 17.87 38.68 0.70
CA TRP B 218 18.51 38.20 1.95
C TRP B 218 19.51 37.08 1.68
N VAL B 219 19.30 36.36 0.59
CA VAL B 219 20.15 35.23 0.23
C VAL B 219 21.41 35.70 -0.47
N GLU B 220 22.55 35.40 0.12
CA GLU B 220 23.82 35.83 -0.44
C GLU B 220 24.33 34.87 -1.54
N GLU B 221 25.39 35.28 -2.25
CA GLU B 221 26.05 34.44 -3.25
C GLU B 221 26.79 33.28 -2.59
N GLY B 222 26.60 32.08 -3.12
CA GLY B 222 27.26 30.89 -2.56
C GLY B 222 26.46 30.17 -1.48
N THR B 223 25.24 30.65 -1.24
CA THR B 223 24.34 30.02 -0.28
C THR B 223 23.76 28.75 -0.89
N HIS B 224 23.62 27.71 -0.08
CA HIS B 224 22.86 26.52 -0.46
C HIS B 224 21.61 26.41 0.41
N ILE B 225 20.49 26.10 -0.20
CA ILE B 225 19.23 26.02 0.52
C ILE B 225 18.66 24.61 0.48
N ASN B 226 18.47 24.02 1.66
CA ASN B 226 17.67 22.79 1.76
C ASN B 226 16.24 23.22 2.00
N ALA B 227 15.41 23.20 0.97
CA ALA B 227 14.04 23.60 1.15
C ALA B 227 13.26 22.36 1.54
N ILE B 228 13.13 22.09 2.83
CA ILE B 228 12.50 20.85 3.27
C ILE B 228 10.98 21.05 3.59
N GLY B 229 10.65 22.24 4.06
CA GLY B 229 9.30 22.53 4.57
C GLY B 229 8.09 22.10 3.75
N ALA B 230 7.97 22.65 2.53
CA ALA B 230 6.80 22.49 1.66
C ALA B 230 6.41 21.04 1.42
N ASP B 231 5.16 20.71 1.74
CA ASP B 231 4.70 19.34 1.79
C ASP B 231 3.36 19.17 1.07
N GLY B 232 3.00 20.14 0.25
CA GLY B 232 1.77 20.06 -0.51
C GLY B 232 1.42 21.27 -1.36
N PRO B 233 0.43 21.11 -2.25
CA PRO B 233 0.12 22.18 -3.20
C PRO B 233 -0.10 23.46 -2.45
N GLY B 234 0.53 24.54 -2.91
CA GLY B 234 0.35 25.85 -2.31
C GLY B 234 1.34 26.22 -1.22
N LYS B 235 1.95 25.21 -0.59
CA LYS B 235 2.97 25.52 0.42
C LYS B 235 4.20 26.07 -0.32
N GLN B 236 4.90 27.00 0.33
CA GLN B 236 6.00 27.74 -0.29
C GLN B 236 6.77 28.46 0.81
N GLU B 237 8.10 28.51 0.70
CA GLU B 237 8.96 29.17 1.71
C GLU B 237 9.89 30.21 1.12
N LEU B 238 10.31 29.98 -0.12
CA LEU B 238 11.27 30.86 -0.76
C LEU B 238 10.58 31.84 -1.70
N ASP B 239 11.15 33.03 -1.79
CA ASP B 239 10.71 34.02 -2.77
C ASP B 239 10.97 33.47 -4.16
N VAL B 240 9.91 33.43 -4.99
CA VAL B 240 9.99 32.90 -6.36
C VAL B 240 11.21 33.44 -7.11
N GLU B 241 11.75 34.55 -6.62
CA GLU B 241 12.91 35.24 -7.21
C GLU B 241 14.24 34.55 -6.96
N ILE B 242 14.32 33.72 -5.92
CA ILE B 242 15.54 32.95 -5.69
C ILE B 242 15.56 31.78 -6.68
N LEU B 243 14.42 31.09 -6.78
CA LEU B 243 14.26 29.99 -7.71
C LEU B 243 14.62 30.44 -9.11
N LYS B 244 14.26 31.68 -9.46
CA LYS B 244 14.51 32.21 -10.80
C LYS B 244 16.01 32.23 -11.11
N LYS B 245 16.82 32.52 -10.10
CA LYS B 245 18.27 32.64 -10.33
C LYS B 245 19.11 31.57 -9.61
N ALA B 246 18.61 30.33 -9.56
CA ALA B 246 19.29 29.26 -8.82
C ALA B 246 19.42 27.91 -9.54
N LYS B 247 20.45 27.15 -9.16
CA LYS B 247 20.58 25.75 -9.60
C LYS B 247 19.67 24.86 -8.75
N ILE B 248 18.54 24.44 -9.34
CA ILE B 248 17.50 23.73 -8.61
C ILE B 248 17.61 22.22 -8.79
N VAL B 249 17.63 21.50 -7.67
CA VAL B 249 17.80 20.07 -7.69
C VAL B 249 16.70 19.41 -6.86
N VAL B 250 16.07 18.39 -7.44
CA VAL B 250 14.92 17.79 -6.78
C VAL B 250 15.14 16.39 -6.23
N ASP B 251 14.39 16.09 -5.19
CA ASP B 251 14.09 14.76 -4.72
C ASP B 251 13.58 13.88 -5.86
N ASP B 252 12.52 14.36 -6.50
CA ASP B 252 11.74 13.63 -7.49
C ASP B 252 10.89 14.69 -8.23
N LEU B 253 11.06 14.78 -9.54
CA LEU B 253 10.45 15.88 -10.29
C LEU B 253 8.93 15.97 -10.09
N GLU B 254 8.21 14.88 -10.36
CA GLU B 254 6.75 14.89 -10.16
C GLU B 254 6.30 15.39 -8.79
N GLN B 255 6.87 14.84 -7.73
CA GLN B 255 6.47 15.15 -6.37
C GLN B 255 6.88 16.54 -5.95
N ALA B 256 7.99 17.03 -6.47
CA ALA B 256 8.36 18.43 -6.27
C ALA B 256 7.38 19.38 -6.97
N LYS B 257 7.02 19.06 -8.21
CA LYS B 257 6.08 19.85 -9.03
C LYS B 257 4.72 19.98 -8.33
N HIS B 258 4.31 18.91 -7.66
CA HIS B 258 3.02 18.85 -7.01
C HIS B 258 3.05 19.53 -5.66
N GLY B 259 3.96 19.05 -4.80
CA GLY B 259 3.97 19.45 -3.39
C GLY B 259 5.19 20.17 -2.86
N GLY B 260 6.34 20.02 -3.52
CA GLY B 260 7.59 20.63 -3.04
C GLY B 260 7.70 22.13 -3.22
N GLU B 261 8.90 22.65 -2.97
CA GLU B 261 9.21 24.06 -3.04
C GLU B 261 8.95 24.70 -4.40
N ILE B 262 9.10 23.95 -5.48
CA ILE B 262 8.89 24.54 -6.78
C ILE B 262 7.41 24.62 -7.13
N ASN B 263 6.56 23.88 -6.41
CA ASN B 263 5.14 23.72 -6.81
C ASN B 263 4.38 24.99 -7.11
N VAL B 264 4.64 26.05 -6.37
CA VAL B 264 3.90 27.28 -6.58
C VAL B 264 4.45 28.03 -7.78
N ALA B 265 5.77 28.12 -7.90
CA ALA B 265 6.37 28.78 -9.05
C ALA B 265 6.03 28.05 -10.38
N VAL B 266 5.96 26.71 -10.32
CA VAL B 266 5.54 25.89 -11.46
C VAL B 266 4.11 26.23 -11.83
N SER B 267 3.21 26.24 -10.85
CA SER B 267 1.77 26.55 -11.06
C SER B 267 1.52 27.95 -11.61
N LYS B 268 2.21 28.93 -11.04
CA LYS B 268 2.09 30.32 -11.47
C LYS B 268 2.81 30.50 -12.80
N GLY B 269 3.53 29.47 -13.22
CA GLY B 269 4.27 29.51 -14.48
C GLY B 269 5.47 30.45 -14.48
N VAL B 270 6.25 30.42 -13.40
CA VAL B 270 7.40 31.31 -13.29
C VAL B 270 8.70 30.55 -13.53
N ILE B 271 8.74 29.31 -13.05
CA ILE B 271 9.70 28.34 -13.54
C ILE B 271 8.91 27.12 -14.05
N GLY B 272 9.50 26.35 -14.97
CA GLY B 272 8.90 25.09 -15.44
C GLY B 272 9.87 23.93 -15.26
N VAL B 273 9.52 22.77 -15.81
CA VAL B 273 10.41 21.59 -15.82
C VAL B 273 11.81 21.96 -16.32
N GLU B 274 11.83 22.66 -17.45
CA GLU B 274 13.03 23.22 -18.09
C GLU B 274 14.04 23.79 -17.09
N ASP B 275 13.55 24.33 -15.99
CA ASP B 275 14.39 25.08 -15.07
C ASP B 275 15.05 24.25 -13.99
N VAL B 276 14.48 23.08 -13.73
CA VAL B 276 15.10 22.17 -12.78
C VAL B 276 16.39 21.68 -13.42
N HIS B 277 17.46 21.76 -12.67
CA HIS B 277 18.76 21.33 -13.17
C HIS B 277 18.91 19.81 -13.18
N ALA B 278 18.59 19.14 -12.07
CA ALA B 278 18.82 17.70 -11.94
C ALA B 278 18.02 17.12 -10.80
N THR B 279 17.82 15.79 -10.80
CA THR B 279 17.46 15.11 -9.54
C THR B 279 18.73 14.87 -8.73
N ILE B 280 18.60 14.80 -7.42
CA ILE B 280 19.76 14.58 -6.59
C ILE B 280 20.45 13.27 -6.97
N GLY B 281 19.63 12.24 -7.25
CA GLY B 281 20.11 10.95 -7.70
C GLY B 281 21.09 11.13 -8.83
N GLU B 282 20.69 11.91 -9.82
CA GLU B 282 21.50 12.16 -11.00
C GLU B 282 22.83 12.78 -10.63
N VAL B 283 22.78 13.74 -9.71
CA VAL B 283 24.00 14.38 -9.25
C VAL B 283 24.93 13.36 -8.59
N ILE B 284 24.37 12.52 -7.69
CA ILE B 284 25.16 11.49 -7.01
C ILE B 284 25.76 10.49 -8.02
N ALA B 285 24.98 10.12 -9.03
CA ALA B 285 25.43 9.15 -10.02
C ALA B 285 26.32 9.77 -11.09
N GLY B 286 26.47 11.09 -11.04
CA GLY B 286 27.31 11.81 -11.99
C GLY B 286 26.76 11.92 -13.41
N LEU B 287 25.43 11.83 -13.53
CA LEU B 287 24.76 12.00 -14.83
C LEU B 287 24.54 13.49 -15.14
N LYS B 288 24.59 14.31 -14.09
CA LYS B 288 24.40 15.76 -14.18
C LYS B 288 25.39 16.41 -13.22
N ASP B 289 25.70 17.68 -13.46
CA ASP B 289 26.72 18.39 -12.66
C ASP B 289 26.24 18.71 -11.26
N GLY B 290 27.17 18.77 -10.31
CA GLY B 290 26.87 19.28 -8.98
C GLY B 290 26.99 20.79 -8.99
N ARG B 291 27.67 21.32 -7.97
CA ARG B 291 27.97 22.74 -7.86
C ARG B 291 29.06 23.11 -8.85
N GLU B 292 28.93 24.26 -9.50
CA GLU B 292 29.95 24.79 -10.42
C GLU B 292 30.82 25.90 -9.79
N SER B 293 30.39 27.16 -9.90
CA SER B 293 31.15 28.27 -9.28
C SER B 293 30.76 28.51 -7.83
N ASP B 294 31.65 29.17 -7.08
CA ASP B 294 31.35 29.53 -5.69
C ASP B 294 30.09 30.39 -5.64
N GLU B 295 30.03 31.42 -6.49
CA GLU B 295 28.96 32.44 -6.43
C GLU B 295 27.50 31.91 -6.56
N GLU B 296 27.29 30.86 -7.36
CA GLU B 296 25.92 30.36 -7.63
C GLU B 296 25.16 29.91 -6.36
N ILE B 297 23.83 30.14 -6.36
CA ILE B 297 22.96 29.74 -5.25
C ILE B 297 22.23 28.44 -5.64
N THR B 298 22.26 27.43 -4.76
CA THR B 298 21.64 26.11 -5.06
C THR B 298 20.52 25.75 -4.10
N ILE B 299 19.53 25.04 -4.61
CA ILE B 299 18.38 24.63 -3.81
C ILE B 299 18.09 23.13 -3.95
N PHE B 300 18.07 22.44 -2.82
CA PHE B 300 17.58 21.06 -2.81
C PHE B 300 16.11 21.07 -2.37
N ASP B 301 15.24 20.61 -3.26
CA ASP B 301 13.82 20.51 -2.99
C ASP B 301 13.43 19.11 -2.53
N SER B 302 13.12 18.97 -1.24
CA SER B 302 12.87 17.66 -0.66
C SER B 302 11.39 17.33 -0.55
N THR B 303 11.11 16.07 -0.82
CA THR B 303 9.78 15.55 -0.98
C THR B 303 9.52 14.25 -0.19
N GLY B 304 10.53 13.38 -0.12
CA GLY B 304 10.38 12.04 0.43
C GLY B 304 10.01 11.02 -0.64
N LEU B 305 10.91 10.04 -0.87
CA LEU B 305 10.67 8.95 -1.80
C LEU B 305 10.64 7.64 -1.01
N ALA B 306 9.78 6.72 -1.42
CA ALA B 306 9.60 5.46 -0.68
C ALA B 306 10.87 4.61 -0.62
N ILE B 307 11.71 4.75 -1.64
CA ILE B 307 12.99 4.04 -1.67
C ILE B 307 13.87 4.42 -0.47
N GLN B 308 13.85 5.69 -0.08
CA GLN B 308 14.51 6.09 1.14
C GLN B 308 14.05 5.21 2.32
N ASP B 309 12.74 5.00 2.41
CA ASP B 309 12.12 4.26 3.49
C ASP B 309 12.52 2.79 3.49
N VAL B 310 12.44 2.14 2.34
CA VAL B 310 12.80 0.73 2.30
C VAL B 310 14.30 0.57 2.61
N ALA B 311 15.12 1.33 1.92
CA ALA B 311 16.56 1.32 2.11
C ALA B 311 16.98 1.46 3.59
N VAL B 312 16.31 2.34 4.30
CA VAL B 312 16.61 2.57 5.70
C VAL B 312 16.07 1.40 6.54
N ALA B 313 14.92 0.84 6.14
CA ALA B 313 14.34 -0.33 6.82
C ALA B 313 15.21 -1.60 6.73
N LYS B 314 15.88 -1.79 5.60
CA LYS B 314 16.73 -2.95 5.49
C LYS B 314 17.89 -2.80 6.46
N VAL B 315 18.38 -1.57 6.64
CA VAL B 315 19.41 -1.33 7.64
C VAL B 315 18.88 -1.69 9.04
N VAL B 316 17.74 -1.11 9.44
CA VAL B 316 17.15 -1.38 10.75
C VAL B 316 17.01 -2.89 10.94
N TYR B 317 16.29 -3.51 10.01
CA TYR B 317 16.06 -4.96 10.02
C TYR B 317 17.31 -5.77 10.27
N GLU B 318 18.30 -5.60 9.38
CA GLU B 318 19.51 -6.42 9.43
C GLU B 318 20.23 -6.26 10.76
N ASN B 319 20.21 -5.05 11.30
CA ASN B 319 20.75 -4.82 12.64
C ASN B 319 19.93 -5.54 13.70
N ALA B 320 18.61 -5.43 13.61
CA ALA B 320 17.74 -6.11 14.56
C ALA B 320 18.07 -7.60 14.63
N LEU B 321 18.36 -8.20 13.47
CA LEU B 321 18.77 -9.59 13.41
C LEU B 321 20.12 -9.75 14.11
N SER B 322 21.06 -8.88 13.78
CA SER B 322 22.36 -8.85 14.43
C SER B 322 22.23 -8.83 15.96
N LYS B 323 21.52 -7.81 16.49
CA LYS B 323 21.47 -7.57 17.92
C LYS B 323 20.32 -8.32 18.65
N ASN B 324 19.65 -9.24 17.94
CA ASN B 324 18.53 -10.04 18.51
C ASN B 324 17.42 -9.20 19.18
N VAL B 325 16.82 -8.28 18.40
CA VAL B 325 15.85 -7.31 18.92
C VAL B 325 14.49 -7.54 18.27
N GLY B 326 13.42 -7.25 19.02
CA GLY B 326 12.04 -7.32 18.51
C GLY B 326 11.23 -8.45 19.12
N SER B 327 9.92 -8.41 18.89
CA SER B 327 9.09 -9.57 19.19
C SER B 327 8.98 -10.34 17.86
N LYS B 328 8.86 -11.66 17.97
CA LYS B 328 8.66 -12.51 16.80
C LYS B 328 7.20 -12.94 16.80
N ILE B 329 6.53 -12.76 15.66
CA ILE B 329 5.14 -13.19 15.53
C ILE B 329 5.03 -14.13 14.33
N LYS B 330 4.26 -15.20 14.49
CA LYS B 330 4.00 -16.17 13.42
C LYS B 330 2.64 -15.91 12.83
N PHE B 331 2.58 -15.13 11.75
CA PHE B 331 1.29 -14.76 11.18
C PHE B 331 0.51 -15.89 10.50
N PHE B 332 1.20 -16.87 9.94
CA PHE B 332 0.54 -17.87 9.09
C PHE B 332 0.73 -19.31 9.52
N ARG B 333 -0.02 -20.22 8.92
CA ARG B 333 0.19 -21.65 9.15
C ARG B 333 0.48 -22.42 7.87
#